data_3VPG
#
_entry.id   3VPG
#
_cell.length_a   54.240
_cell.length_b   135.073
_cell.length_c   85.877
_cell.angle_alpha   90.00
_cell.angle_beta   94.44
_cell.angle_gamma   90.00
#
_symmetry.space_group_name_H-M   'P 1 21 1'
#
loop_
_entity.id
_entity.type
_entity.pdbx_description
1 polymer 'L-lactate dehydrogenase'
2 non-polymer GLYCEROL
3 water water
#
_entity_poly.entity_id   1
_entity_poly.type   'polypeptide(L)'
_entity_poly.pdbx_seq_one_letter_code
;MKVGIVGSGMVGSATAYALALLGVAREVVLVDLDRKLAQAHAEDILHATPFAHPVWVRAGSYGDLEGARAVVLAAGVAQR
PGETRLQLLDRNAQVFAQVVPRVLEAAPEAVLLVATNPVDVMTQVAYRLSALPPGRVVGSGTILDTARFRALLAEHLRVA
PQSVHAYVLGEHGDSEVLVWSSAQVGGVPLLEFAEARGRALSPEDRARIDEGVRRAAYRIIEGKGATYYGIGAGLARLVR
AILTDEKGVYTVSAFTPEVEGVLEVSLSLPRILGAGGVEGTVYPSLSPEEREALRRSAEILKEAAFALGF
;
_entity_poly.pdbx_strand_id   A,B,C,D
#
loop_
_chem_comp.id
_chem_comp.type
_chem_comp.name
_chem_comp.formula
GOL non-polymer GLYCEROL 'C3 H8 O3'
#
# COMPACT_ATOMS: atom_id res chain seq x y z
N MET A 1 -4.65 -17.53 0.39
CA MET A 1 -4.96 -18.32 -0.84
C MET A 1 -3.68 -18.75 -1.54
N LYS A 2 -3.80 -19.78 -2.37
CA LYS A 2 -2.66 -20.32 -3.09
C LYS A 2 -2.76 -20.16 -4.60
N VAL A 3 -1.64 -19.76 -5.21
CA VAL A 3 -1.56 -19.58 -6.65
C VAL A 3 -0.43 -20.50 -7.14
N GLY A 4 -0.66 -21.22 -8.23
CA GLY A 4 0.37 -22.09 -8.75
C GLY A 4 0.94 -21.53 -10.04
N ILE A 5 2.16 -21.92 -10.36
CA ILE A 5 2.83 -21.48 -11.59
C ILE A 5 3.59 -22.68 -12.14
N VAL A 6 3.19 -23.16 -13.32
CA VAL A 6 3.88 -24.30 -13.92
C VAL A 6 4.83 -23.75 -14.98
N GLY A 7 6.12 -23.99 -14.77
CA GLY A 7 7.14 -23.51 -15.67
C GLY A 7 7.92 -22.46 -14.87
N SER A 8 9.09 -22.84 -14.37
CA SER A 8 9.89 -21.93 -13.57
C SER A 8 11.04 -21.26 -14.32
N GLY A 9 10.77 -20.84 -15.55
CA GLY A 9 11.77 -20.14 -16.34
C GLY A 9 11.71 -18.65 -16.00
N MET A 10 12.13 -17.78 -16.90
CA MET A 10 12.08 -16.36 -16.58
C MET A 10 10.67 -15.80 -16.48
N VAL A 11 9.74 -16.25 -17.33
CA VAL A 11 8.37 -15.76 -17.25
C VAL A 11 7.74 -16.22 -15.95
N GLY A 12 7.83 -17.52 -15.68
CA GLY A 12 7.24 -18.06 -14.46
C GLY A 12 7.84 -17.51 -13.19
N SER A 13 9.17 -17.40 -13.13
CA SER A 13 9.80 -16.89 -11.93
C SER A 13 9.54 -15.40 -11.73
N ALA A 14 9.48 -14.64 -12.83
CA ALA A 14 9.20 -13.21 -12.71
C ALA A 14 7.77 -13.00 -12.24
N THR A 15 6.87 -13.89 -12.67
CA THR A 15 5.47 -13.79 -12.24
C THR A 15 5.42 -14.03 -10.73
N ALA A 16 6.18 -15.01 -10.26
CA ALA A 16 6.22 -15.32 -8.83
C ALA A 16 6.79 -14.12 -8.06
N TYR A 17 7.82 -13.48 -8.61
CA TYR A 17 8.43 -12.31 -7.97
C TYR A 17 7.43 -11.16 -7.88
N ALA A 18 6.71 -10.90 -8.98
CA ALA A 18 5.71 -9.83 -9.01
C ALA A 18 4.60 -10.13 -8.00
N LEU A 19 4.14 -11.39 -7.97
CA LEU A 19 3.09 -11.77 -7.03
C LEU A 19 3.56 -11.51 -5.60
N ALA A 20 4.81 -11.83 -5.31
CA ALA A 20 5.36 -11.62 -3.97
C ALA A 20 5.53 -10.15 -3.63
N LEU A 21 6.16 -9.39 -4.53
CA LEU A 21 6.38 -7.97 -4.32
C LEU A 21 5.08 -7.19 -4.13
N LEU A 22 4.03 -7.59 -4.84
CA LEU A 22 2.74 -6.91 -4.74
C LEU A 22 1.83 -7.51 -3.67
N GLY A 23 2.27 -8.60 -3.05
CA GLY A 23 1.48 -9.25 -2.01
C GLY A 23 0.10 -9.71 -2.48
N VAL A 24 0.05 -10.26 -3.67
CA VAL A 24 -1.19 -10.74 -4.28
C VAL A 24 -1.78 -11.96 -3.61
N ALA A 25 -0.92 -12.91 -3.23
CA ALA A 25 -1.38 -14.13 -2.57
C ALA A 25 -0.44 -14.52 -1.45
N ARG A 26 -0.96 -15.26 -0.49
CA ARG A 26 -0.17 -15.68 0.66
C ARG A 26 0.78 -16.83 0.33
N GLU A 27 0.45 -17.62 -0.68
CA GLU A 27 1.24 -18.79 -1.05
C GLU A 27 1.36 -18.93 -2.57
N VAL A 28 2.58 -19.12 -3.04
CA VAL A 28 2.85 -19.27 -4.47
C VAL A 28 3.69 -20.53 -4.66
N VAL A 29 3.22 -21.43 -5.52
CA VAL A 29 3.92 -22.69 -5.76
C VAL A 29 4.45 -22.78 -7.18
N LEU A 30 5.77 -22.91 -7.32
CA LEU A 30 6.41 -23.04 -8.62
C LEU A 30 6.64 -24.53 -8.90
N VAL A 31 6.19 -24.98 -10.07
CA VAL A 31 6.33 -26.38 -10.48
C VAL A 31 7.12 -26.46 -11.77
N ASP A 32 8.15 -27.31 -11.81
CA ASP A 32 8.95 -27.47 -13.01
C ASP A 32 9.62 -28.84 -13.02
N LEU A 33 9.74 -29.44 -14.20
CA LEU A 33 10.40 -30.74 -14.32
C LEU A 33 11.82 -30.61 -13.77
N ASP A 34 12.40 -29.43 -13.93
CA ASP A 34 13.75 -29.16 -13.42
C ASP A 34 13.52 -28.69 -11.98
N ARG A 35 13.45 -29.64 -11.05
CA ARG A 35 13.19 -29.37 -9.64
C ARG A 35 14.14 -28.37 -8.97
N LYS A 36 15.43 -28.49 -9.27
CA LYS A 36 16.44 -27.62 -8.70
C LYS A 36 16.21 -26.18 -9.16
N LEU A 37 15.79 -26.02 -10.40
CA LEU A 37 15.53 -24.71 -10.97
C LEU A 37 14.39 -24.03 -10.20
N ALA A 38 13.30 -24.76 -10.01
CA ALA A 38 12.16 -24.20 -9.27
C ALA A 38 12.55 -23.89 -7.82
N GLN A 39 13.27 -24.80 -7.19
CA GLN A 39 13.68 -24.61 -5.81
C GLN A 39 14.59 -23.38 -5.67
N ALA A 40 15.48 -23.19 -6.64
CA ALA A 40 16.41 -22.06 -6.63
C ALA A 40 15.70 -20.73 -6.80
N HIS A 41 14.77 -20.65 -7.75
CA HIS A 41 14.02 -19.42 -7.95
C HIS A 41 13.15 -19.16 -6.73
N ALA A 42 12.51 -20.20 -6.22
CA ALA A 42 11.65 -20.02 -5.05
C ALA A 42 12.42 -19.47 -3.84
N GLU A 43 13.59 -20.04 -3.56
CA GLU A 43 14.37 -19.58 -2.42
C GLU A 43 14.91 -18.16 -2.62
N ASP A 44 15.30 -17.84 -3.84
CA ASP A 44 15.81 -16.51 -4.17
C ASP A 44 14.69 -15.51 -3.86
N ILE A 45 13.49 -15.79 -4.37
CA ILE A 45 12.36 -14.90 -4.14
C ILE A 45 11.97 -14.85 -2.67
N LEU A 46 12.06 -15.99 -1.98
CA LEU A 46 11.72 -16.02 -0.56
C LEU A 46 12.58 -15.03 0.22
N HIS A 47 13.83 -14.87 -0.20
CA HIS A 47 14.75 -13.94 0.47
C HIS A 47 14.33 -12.49 0.26
N ALA A 48 13.49 -12.24 -0.72
CA ALA A 48 13.01 -10.88 -0.97
C ALA A 48 11.80 -10.52 -0.10
N THR A 49 11.01 -11.53 0.28
CA THR A 49 9.78 -11.26 1.05
C THR A 49 9.86 -10.45 2.33
N PRO A 50 10.95 -10.55 3.11
CA PRO A 50 10.98 -9.74 4.34
C PRO A 50 10.98 -8.25 4.02
N PHE A 51 11.30 -7.93 2.77
CA PHE A 51 11.39 -6.54 2.34
C PHE A 51 10.15 -6.07 1.59
N ALA A 52 9.10 -6.88 1.61
CA ALA A 52 7.87 -6.53 0.93
C ALA A 52 6.63 -7.00 1.70
N HIS A 53 6.18 -8.22 1.43
CA HIS A 53 4.99 -8.76 2.08
C HIS A 53 5.16 -10.22 2.49
N PRO A 54 4.42 -10.66 3.52
CA PRO A 54 4.55 -12.06 3.93
C PRO A 54 3.93 -12.95 2.86
N VAL A 55 4.78 -13.59 2.08
CA VAL A 55 4.34 -14.46 0.99
C VAL A 55 5.22 -15.70 1.01
N TRP A 56 4.59 -16.87 1.05
CA TRP A 56 5.33 -18.11 1.06
C TRP A 56 5.52 -18.59 -0.37
N VAL A 57 6.71 -18.35 -0.93
CA VAL A 57 7.01 -18.78 -2.28
C VAL A 57 7.81 -20.07 -2.17
N ARG A 58 7.32 -21.12 -2.83
CA ARG A 58 8.02 -22.39 -2.76
C ARG A 58 7.93 -23.20 -4.02
N ALA A 59 8.76 -24.24 -4.09
CA ALA A 59 8.77 -25.13 -5.23
C ALA A 59 8.00 -26.38 -4.80
N GLY A 60 7.25 -26.95 -5.73
CA GLY A 60 6.49 -28.16 -5.39
C GLY A 60 6.14 -29.00 -6.59
N SER A 61 5.39 -30.06 -6.34
CA SER A 61 4.96 -30.97 -7.39
C SER A 61 3.54 -30.57 -7.79
N TYR A 62 3.01 -31.24 -8.80
CA TYR A 62 1.63 -30.95 -9.22
C TYR A 62 0.71 -31.17 -8.02
N GLY A 63 1.05 -32.12 -7.17
CA GLY A 63 0.22 -32.40 -6.01
C GLY A 63 0.12 -31.20 -5.08
N ASP A 64 1.19 -30.40 -5.05
CA ASP A 64 1.23 -29.21 -4.21
C ASP A 64 0.35 -28.07 -4.75
N LEU A 65 -0.32 -28.31 -5.88
CA LEU A 65 -1.20 -27.32 -6.46
C LEU A 65 -2.63 -27.47 -5.92
N GLU A 66 -2.87 -28.49 -5.08
CA GLU A 66 -4.20 -28.70 -4.54
C GLU A 66 -4.77 -27.43 -3.91
N GLY A 67 -6.04 -27.14 -4.20
CA GLY A 67 -6.68 -25.97 -3.64
C GLY A 67 -6.29 -24.64 -4.27
N ALA A 68 -5.45 -24.66 -5.29
CA ALA A 68 -5.06 -23.41 -5.97
C ALA A 68 -6.24 -22.84 -6.73
N ARG A 69 -6.50 -21.54 -6.58
CA ARG A 69 -7.64 -20.95 -7.27
C ARG A 69 -7.30 -20.38 -8.64
N ALA A 70 -6.00 -20.28 -8.90
CA ALA A 70 -5.49 -19.82 -10.19
C ALA A 70 -4.15 -20.50 -10.40
N VAL A 71 -3.92 -20.97 -11.63
CA VAL A 71 -2.66 -21.61 -11.96
C VAL A 71 -2.18 -21.05 -13.30
N VAL A 72 -1.01 -20.43 -13.27
CA VAL A 72 -0.40 -19.83 -14.45
C VAL A 72 0.36 -20.90 -15.21
N LEU A 73 0.13 -20.99 -16.51
CA LEU A 73 0.83 -21.98 -17.31
C LEU A 73 1.90 -21.25 -18.13
N ALA A 74 3.13 -21.31 -17.67
CA ALA A 74 4.26 -20.66 -18.34
C ALA A 74 5.28 -21.73 -18.69
N ALA A 75 4.78 -22.87 -19.14
CA ALA A 75 5.62 -23.99 -19.51
C ALA A 75 5.76 -23.98 -21.02
N GLY A 76 6.87 -24.50 -21.51
CA GLY A 76 7.10 -24.52 -22.95
C GLY A 76 8.48 -25.05 -23.26
N VAL A 77 8.85 -25.01 -24.55
CA VAL A 77 10.16 -25.50 -24.95
C VAL A 77 10.89 -24.47 -25.80
N ALA A 78 12.23 -24.49 -25.72
CA ALA A 78 13.05 -23.56 -26.48
C ALA A 78 13.12 -24.03 -27.93
N GLN A 79 12.73 -23.16 -28.85
CA GLN A 79 12.74 -23.49 -30.27
C GLN A 79 14.12 -24.00 -30.71
N ARG A 80 14.10 -25.06 -31.53
CA ARG A 80 15.34 -25.65 -32.02
C ARG A 80 15.69 -25.10 -33.39
N PRO A 81 16.98 -24.80 -33.63
CA PRO A 81 17.41 -24.27 -34.93
C PRO A 81 16.95 -25.17 -36.08
N GLY A 82 16.31 -24.58 -37.07
CA GLY A 82 15.85 -25.37 -38.22
C GLY A 82 14.52 -26.04 -37.98
N GLU A 83 13.83 -25.62 -36.92
CA GLU A 83 12.53 -26.18 -36.59
C GLU A 83 11.47 -25.24 -37.16
N THR A 84 10.45 -25.81 -37.82
CA THR A 84 9.42 -24.97 -38.40
C THR A 84 8.53 -24.38 -37.32
N ARG A 85 7.69 -23.43 -37.73
CA ARG A 85 6.77 -22.76 -36.82
C ARG A 85 5.80 -23.77 -36.22
N LEU A 86 5.18 -24.57 -37.10
CA LEU A 86 4.21 -25.57 -36.66
C LEU A 86 4.81 -26.66 -35.79
N GLN A 87 6.07 -27.00 -36.01
CA GLN A 87 6.71 -28.04 -35.23
C GLN A 87 6.92 -27.57 -33.78
N LEU A 88 7.31 -26.31 -33.60
CA LEU A 88 7.50 -25.78 -32.26
C LEU A 88 6.14 -25.73 -31.59
N LEU A 89 5.12 -25.35 -32.35
CA LEU A 89 3.76 -25.29 -31.84
C LEU A 89 3.36 -26.69 -31.39
N ASP A 90 3.71 -27.69 -32.19
CA ASP A 90 3.41 -29.09 -31.87
C ASP A 90 4.04 -29.48 -30.55
N ARG A 91 5.31 -29.14 -30.36
CA ARG A 91 6.02 -29.49 -29.15
C ARG A 91 5.40 -28.85 -27.90
N ASN A 92 5.01 -27.60 -28.00
CA ASN A 92 4.40 -26.93 -26.85
C ASN A 92 3.02 -27.51 -26.57
N ALA A 93 2.31 -27.89 -27.62
CA ALA A 93 0.98 -28.47 -27.44
C ALA A 93 1.13 -29.79 -26.69
N GLN A 94 2.20 -30.53 -26.99
CA GLN A 94 2.46 -31.80 -26.33
C GLN A 94 2.80 -31.59 -24.85
N VAL A 95 3.44 -30.46 -24.55
CA VAL A 95 3.77 -30.14 -23.16
C VAL A 95 2.45 -29.88 -22.44
N PHE A 96 1.55 -29.13 -23.07
CA PHE A 96 0.25 -28.83 -22.44
C PHE A 96 -0.57 -30.10 -22.26
N ALA A 97 -0.40 -31.06 -23.18
CA ALA A 97 -1.15 -32.32 -23.09
C ALA A 97 -0.77 -33.04 -21.80
N GLN A 98 0.43 -32.77 -21.30
CA GLN A 98 0.89 -33.39 -20.07
C GLN A 98 0.55 -32.51 -18.87
N VAL A 99 0.77 -31.21 -19.03
CA VAL A 99 0.54 -30.22 -17.97
C VAL A 99 -0.92 -30.01 -17.54
N VAL A 100 -1.80 -29.74 -18.50
CA VAL A 100 -3.20 -29.46 -18.18
C VAL A 100 -3.92 -30.51 -17.34
N PRO A 101 -3.92 -31.79 -17.77
CA PRO A 101 -4.61 -32.78 -16.95
C PRO A 101 -4.01 -32.94 -15.55
N ARG A 102 -2.68 -32.84 -15.45
CA ARG A 102 -2.02 -32.98 -14.16
C ARG A 102 -2.34 -31.82 -13.21
N VAL A 103 -2.52 -30.63 -13.76
CA VAL A 103 -2.87 -29.48 -12.91
C VAL A 103 -4.30 -29.64 -12.40
N LEU A 104 -5.22 -29.98 -13.31
CA LEU A 104 -6.62 -30.12 -12.94
C LEU A 104 -6.91 -31.31 -12.05
N GLU A 105 -6.02 -32.30 -12.05
CA GLU A 105 -6.19 -33.47 -11.20
C GLU A 105 -6.03 -33.02 -9.75
N ALA A 106 -5.09 -32.10 -9.53
CA ALA A 106 -4.83 -31.58 -8.19
C ALA A 106 -5.72 -30.39 -7.83
N ALA A 107 -6.05 -29.57 -8.82
CA ALA A 107 -6.88 -28.39 -8.58
C ALA A 107 -8.04 -28.30 -9.57
N PRO A 108 -9.09 -29.10 -9.37
CA PRO A 108 -10.25 -29.08 -10.27
C PRO A 108 -10.94 -27.73 -10.34
N GLU A 109 -10.71 -26.89 -9.34
CA GLU A 109 -11.33 -25.57 -9.28
C GLU A 109 -10.51 -24.44 -9.87
N ALA A 110 -9.27 -24.73 -10.24
CA ALA A 110 -8.39 -23.68 -10.74
C ALA A 110 -8.78 -23.00 -12.04
N VAL A 111 -8.57 -21.69 -12.09
CA VAL A 111 -8.78 -20.94 -13.33
C VAL A 111 -7.40 -21.07 -13.96
N LEU A 112 -7.35 -21.45 -15.24
CA LEU A 112 -6.05 -21.61 -15.90
C LEU A 112 -5.71 -20.30 -16.62
N LEU A 113 -4.54 -19.75 -16.30
CA LEU A 113 -4.09 -18.50 -16.89
C LEU A 113 -2.88 -18.83 -17.78
N VAL A 114 -3.14 -18.90 -19.08
CA VAL A 114 -2.13 -19.25 -20.07
C VAL A 114 -1.18 -18.10 -20.41
N ALA A 115 0.13 -18.37 -20.34
CA ALA A 115 1.11 -17.34 -20.65
C ALA A 115 2.03 -17.73 -21.79
N THR A 116 2.14 -19.04 -22.04
CA THR A 116 3.01 -19.59 -23.08
C THR A 116 2.71 -19.07 -24.49
N ASN A 117 3.75 -18.69 -25.21
CA ASN A 117 3.57 -18.17 -26.57
C ASN A 117 3.56 -19.30 -27.60
N PRO A 118 2.75 -19.16 -28.67
CA PRO A 118 1.86 -18.03 -28.96
C PRO A 118 0.67 -18.16 -28.02
N VAL A 119 0.44 -17.16 -27.20
CA VAL A 119 -0.63 -17.21 -26.20
C VAL A 119 -2.05 -17.53 -26.68
N ASP A 120 -2.45 -17.01 -27.84
CA ASP A 120 -3.79 -17.29 -28.33
C ASP A 120 -3.98 -18.75 -28.75
N VAL A 121 -2.99 -19.31 -29.44
CA VAL A 121 -3.07 -20.70 -29.86
C VAL A 121 -3.00 -21.61 -28.64
N MET A 122 -2.10 -21.30 -27.72
CA MET A 122 -1.95 -22.12 -26.51
C MET A 122 -3.17 -22.03 -25.61
N THR A 123 -3.88 -20.90 -25.65
CA THR A 123 -5.09 -20.75 -24.85
C THR A 123 -6.15 -21.69 -25.46
N GLN A 124 -6.19 -21.76 -26.79
CA GLN A 124 -7.15 -22.65 -27.45
C GLN A 124 -6.82 -24.10 -27.10
N VAL A 125 -5.52 -24.42 -27.10
CA VAL A 125 -5.07 -25.77 -26.77
C VAL A 125 -5.46 -26.14 -25.36
N ALA A 126 -5.20 -25.23 -24.42
CA ALA A 126 -5.53 -25.49 -23.02
C ALA A 126 -7.05 -25.64 -22.83
N TYR A 127 -7.82 -24.85 -23.57
CA TYR A 127 -9.28 -24.92 -23.46
C TYR A 127 -9.78 -26.30 -23.89
N ARG A 128 -9.38 -26.75 -25.07
CA ARG A 128 -9.81 -28.06 -25.58
C ARG A 128 -9.42 -29.18 -24.63
N LEU A 129 -8.18 -29.15 -24.14
CA LEU A 129 -7.67 -30.19 -23.25
C LEU A 129 -8.34 -30.20 -21.88
N SER A 130 -8.72 -29.03 -21.38
CA SER A 130 -9.31 -28.90 -20.05
C SER A 130 -10.69 -29.48 -19.83
N ALA A 131 -11.52 -29.47 -20.87
CA ALA A 131 -12.88 -29.98 -20.76
C ALA A 131 -13.68 -29.14 -19.76
N LEU A 132 -13.20 -27.93 -19.49
CA LEU A 132 -13.86 -27.03 -18.55
C LEU A 132 -14.70 -26.05 -19.35
N PRO A 133 -15.54 -25.25 -18.67
CA PRO A 133 -16.36 -24.27 -19.38
C PRO A 133 -15.39 -23.25 -20.02
N PRO A 134 -15.81 -22.60 -21.12
CA PRO A 134 -14.98 -21.62 -21.82
C PRO A 134 -14.30 -20.54 -20.97
N GLY A 135 -15.04 -19.99 -20.02
CA GLY A 135 -14.50 -18.93 -19.18
C GLY A 135 -13.38 -19.29 -18.22
N ARG A 136 -13.21 -20.58 -17.94
CA ARG A 136 -12.19 -21.04 -17.00
C ARG A 136 -10.74 -21.05 -17.51
N VAL A 137 -10.57 -20.88 -18.82
CA VAL A 137 -9.24 -20.85 -19.41
C VAL A 137 -9.03 -19.47 -20.04
N VAL A 138 -8.08 -18.72 -19.50
CA VAL A 138 -7.80 -17.36 -19.93
C VAL A 138 -6.33 -17.13 -20.26
N GLY A 139 -6.05 -16.51 -21.41
CA GLY A 139 -4.68 -16.22 -21.80
C GLY A 139 -4.37 -14.76 -21.55
N SER A 140 -3.13 -14.45 -21.21
CA SER A 140 -2.75 -13.05 -20.94
C SER A 140 -3.06 -12.15 -22.13
N GLY A 141 -2.96 -12.71 -23.32
CA GLY A 141 -3.27 -11.97 -24.53
C GLY A 141 -2.57 -10.64 -24.71
N THR A 142 -3.36 -9.62 -25.04
CA THR A 142 -2.85 -8.27 -25.29
C THR A 142 -2.88 -7.30 -24.11
N ILE A 143 -2.98 -7.78 -22.88
CA ILE A 143 -3.02 -6.85 -21.76
C ILE A 143 -1.85 -5.86 -21.70
N LEU A 144 -0.63 -6.30 -21.97
CA LEU A 144 0.49 -5.37 -21.92
C LEU A 144 0.42 -4.33 -23.03
N ASP A 145 -0.05 -4.76 -24.21
CA ASP A 145 -0.15 -3.85 -25.35
C ASP A 145 -1.25 -2.81 -25.11
N THR A 146 -2.37 -3.24 -24.54
CA THR A 146 -3.46 -2.32 -24.25
C THR A 146 -2.98 -1.24 -23.26
N ALA A 147 -2.26 -1.66 -22.22
CA ALA A 147 -1.76 -0.72 -21.22
C ALA A 147 -0.74 0.24 -21.81
N ARG A 148 0.12 -0.27 -22.69
CA ARG A 148 1.15 0.54 -23.33
C ARG A 148 0.49 1.55 -24.27
N PHE A 149 -0.56 1.12 -24.97
CA PHE A 149 -1.29 1.99 -25.89
C PHE A 149 -1.90 3.14 -25.08
N ARG A 150 -2.52 2.83 -23.94
CA ARG A 150 -3.10 3.87 -23.10
C ARG A 150 -2.02 4.79 -22.53
N ALA A 151 -0.87 4.23 -22.21
CA ALA A 151 0.23 5.01 -21.65
C ALA A 151 0.75 6.03 -22.64
N LEU A 152 0.96 5.61 -23.89
CA LEU A 152 1.45 6.49 -24.92
C LEU A 152 0.46 7.59 -25.26
N LEU A 153 -0.83 7.25 -25.25
CA LEU A 153 -1.87 8.25 -25.54
C LEU A 153 -1.95 9.24 -24.37
N ALA A 154 -1.80 8.74 -23.15
CA ALA A 154 -1.86 9.59 -21.98
C ALA A 154 -0.73 10.61 -21.97
N GLU A 155 0.47 10.16 -22.34
CA GLU A 155 1.63 11.03 -22.38
C GLU A 155 1.47 12.12 -23.43
N HIS A 156 0.93 11.75 -24.58
CA HIS A 156 0.70 12.70 -25.67
C HIS A 156 -0.32 13.77 -25.29
N LEU A 157 -1.40 13.34 -24.64
CA LEU A 157 -2.50 14.22 -24.25
C LEU A 157 -2.32 14.92 -22.90
N ARG A 158 -1.31 14.53 -22.15
CA ARG A 158 -1.06 15.09 -20.82
C ARG A 158 -2.24 14.85 -19.89
N VAL A 159 -2.68 13.59 -19.80
CA VAL A 159 -3.79 13.21 -18.93
C VAL A 159 -3.41 11.87 -18.28
N ALA A 160 -4.03 11.55 -17.16
CA ALA A 160 -3.73 10.30 -16.47
C ALA A 160 -4.13 9.09 -17.31
N PRO A 161 -3.31 8.04 -17.30
CA PRO A 161 -3.60 6.81 -18.07
C PRO A 161 -4.96 6.22 -17.70
N GLN A 162 -5.33 6.36 -16.43
CA GLN A 162 -6.60 5.84 -15.95
C GLN A 162 -7.80 6.48 -16.63
N SER A 163 -7.59 7.65 -17.24
CA SER A 163 -8.67 8.34 -17.93
C SER A 163 -8.72 8.03 -19.42
N VAL A 164 -7.74 7.27 -19.90
CA VAL A 164 -7.72 6.92 -21.32
C VAL A 164 -8.34 5.55 -21.55
N HIS A 165 -9.40 5.51 -22.34
CA HIS A 165 -10.06 4.24 -22.65
C HIS A 165 -9.69 3.82 -24.07
N ALA A 166 -8.71 2.92 -24.18
CA ALA A 166 -8.25 2.42 -25.48
C ALA A 166 -7.93 0.93 -25.38
N TYR A 167 -8.18 0.20 -26.47
CA TYR A 167 -7.93 -1.24 -26.49
C TYR A 167 -7.05 -1.73 -27.64
N VAL A 168 -6.37 -2.83 -27.39
CA VAL A 168 -5.56 -3.52 -28.39
C VAL A 168 -6.24 -4.89 -28.36
N LEU A 169 -6.74 -5.36 -29.50
CA LEU A 169 -7.44 -6.63 -29.55
C LEU A 169 -6.87 -7.61 -30.56
N GLY A 170 -7.47 -8.80 -30.59
CA GLY A 170 -7.08 -9.83 -31.53
C GLY A 170 -5.91 -10.72 -31.13
N GLU A 171 -5.06 -10.99 -32.11
CA GLU A 171 -3.91 -11.84 -31.89
C GLU A 171 -2.75 -11.08 -31.28
N HIS A 172 -2.24 -11.58 -30.16
CA HIS A 172 -1.11 -10.96 -29.49
C HIS A 172 0.10 -11.08 -30.40
N GLY A 173 0.54 -9.96 -30.97
CA GLY A 173 1.69 -10.00 -31.86
C GLY A 173 1.66 -8.89 -32.89
N ASP A 174 2.53 -8.99 -33.90
CA ASP A 174 2.60 -7.99 -34.96
C ASP A 174 1.26 -7.76 -35.66
N SER A 175 0.32 -8.70 -35.52
CA SER A 175 -0.98 -8.57 -36.15
C SER A 175 -2.10 -8.06 -35.24
N GLU A 176 -1.77 -7.73 -33.99
CA GLU A 176 -2.77 -7.22 -33.06
C GLU A 176 -3.44 -5.97 -33.60
N VAL A 177 -4.67 -5.70 -33.16
CA VAL A 177 -5.42 -4.55 -33.63
C VAL A 177 -5.57 -3.40 -32.64
N LEU A 178 -4.99 -2.24 -32.97
CA LEU A 178 -5.13 -1.07 -32.12
C LEU A 178 -6.46 -0.41 -32.47
N VAL A 179 -7.38 -0.37 -31.51
CA VAL A 179 -8.69 0.20 -31.74
C VAL A 179 -8.76 1.73 -31.54
N TRP A 180 -8.28 2.46 -32.54
CA TRP A 180 -8.29 3.93 -32.49
C TRP A 180 -9.70 4.49 -32.62
N SER A 181 -10.50 3.91 -33.51
CA SER A 181 -11.84 4.40 -33.78
C SER A 181 -12.75 4.76 -32.61
N SER A 182 -12.92 3.83 -31.67
CA SER A 182 -13.79 4.07 -30.53
C SER A 182 -13.08 4.40 -29.21
N ALA A 183 -11.79 4.72 -29.29
CA ALA A 183 -11.03 5.06 -28.09
C ALA A 183 -11.64 6.32 -27.51
N GLN A 184 -11.66 6.43 -26.19
CA GLN A 184 -12.24 7.61 -25.55
C GLN A 184 -11.40 8.12 -24.39
N VAL A 185 -11.61 9.38 -24.03
CA VAL A 185 -10.90 9.97 -22.90
C VAL A 185 -11.94 10.67 -22.07
N GLY A 186 -12.08 10.24 -20.82
CA GLY A 186 -13.07 10.84 -19.94
C GLY A 186 -14.47 10.71 -20.53
N GLY A 187 -14.66 9.69 -21.38
CA GLY A 187 -15.95 9.48 -21.98
C GLY A 187 -16.21 10.22 -23.28
N VAL A 188 -15.20 10.90 -23.82
CA VAL A 188 -15.33 11.65 -25.07
C VAL A 188 -14.44 11.06 -26.16
N PRO A 189 -14.91 11.08 -27.43
CA PRO A 189 -14.10 10.53 -28.53
C PRO A 189 -12.67 11.06 -28.50
N LEU A 190 -11.71 10.15 -28.58
CA LEU A 190 -10.28 10.47 -28.55
C LEU A 190 -9.86 11.68 -29.37
N LEU A 191 -10.10 11.64 -30.67
CA LEU A 191 -9.70 12.73 -31.56
C LEU A 191 -10.32 14.07 -31.17
N GLU A 192 -11.57 14.05 -30.72
CA GLU A 192 -12.25 15.28 -30.32
C GLU A 192 -11.59 15.83 -29.06
N PHE A 193 -11.32 14.96 -28.10
CA PHE A 193 -10.67 15.37 -26.86
C PHE A 193 -9.28 15.94 -27.16
N ALA A 194 -8.55 15.25 -28.04
CA ALA A 194 -7.20 15.66 -28.41
C ALA A 194 -7.14 17.07 -28.97
N GLU A 195 -8.09 17.40 -29.84
CA GLU A 195 -8.11 18.73 -30.43
C GLU A 195 -8.49 19.80 -29.42
N ALA A 196 -9.47 19.49 -28.57
CA ALA A 196 -9.94 20.42 -27.56
C ALA A 196 -8.82 20.77 -26.57
N ARG A 197 -7.90 19.84 -26.37
CA ARG A 197 -6.81 20.06 -25.44
C ARG A 197 -5.55 20.59 -26.14
N GLY A 198 -5.71 20.97 -27.41
CA GLY A 198 -4.59 21.49 -28.17
C GLY A 198 -3.47 20.48 -28.32
N ARG A 199 -3.82 19.20 -28.38
CA ARG A 199 -2.86 18.12 -28.51
C ARG A 199 -3.29 17.11 -29.57
N ALA A 200 -3.75 17.63 -30.71
CA ALA A 200 -4.21 16.78 -31.81
C ALA A 200 -3.25 15.64 -32.15
N LEU A 201 -3.83 14.53 -32.60
CA LEU A 201 -3.08 13.36 -32.98
C LEU A 201 -2.95 13.32 -34.50
N SER A 202 -1.75 13.61 -34.99
CA SER A 202 -1.49 13.63 -36.43
C SER A 202 -1.17 12.21 -36.90
N PRO A 203 -1.26 11.98 -38.22
CA PRO A 203 -0.98 10.64 -38.76
C PRO A 203 0.43 10.22 -38.34
N GLU A 204 1.31 11.19 -38.19
CA GLU A 204 2.68 10.93 -37.77
C GLU A 204 2.72 10.47 -36.32
N ASP A 205 1.96 11.15 -35.47
CA ASP A 205 1.91 10.79 -34.05
C ASP A 205 1.38 9.36 -33.91
N ARG A 206 0.29 9.06 -34.59
CA ARG A 206 -0.31 7.73 -34.52
C ARG A 206 0.62 6.62 -34.98
N ALA A 207 1.42 6.90 -36.02
CA ALA A 207 2.34 5.90 -36.54
C ALA A 207 3.43 5.60 -35.51
N ARG A 208 3.91 6.64 -34.84
CA ARG A 208 4.95 6.48 -33.83
C ARG A 208 4.42 5.69 -32.64
N ILE A 209 3.17 6.00 -32.25
CA ILE A 209 2.53 5.31 -31.13
C ILE A 209 2.30 3.84 -31.48
N ASP A 210 1.93 3.58 -32.73
CA ASP A 210 1.69 2.23 -33.19
C ASP A 210 2.97 1.40 -33.06
N GLU A 211 4.10 2.00 -33.47
CA GLU A 211 5.38 1.31 -33.41
C GLU A 211 5.82 1.08 -31.96
N GLY A 212 5.53 2.05 -31.10
CA GLY A 212 5.90 1.92 -29.70
C GLY A 212 5.18 0.76 -29.04
N VAL A 213 3.95 0.50 -29.49
CA VAL A 213 3.14 -0.60 -28.95
C VAL A 213 3.47 -1.93 -29.62
N ARG A 214 3.39 -1.94 -30.95
CA ARG A 214 3.60 -3.15 -31.74
C ARG A 214 5.00 -3.76 -31.76
N ARG A 215 6.04 -2.92 -31.72
CA ARG A 215 7.41 -3.45 -31.78
C ARG A 215 8.13 -3.57 -30.43
N ALA A 216 7.41 -3.37 -29.35
CA ALA A 216 8.01 -3.46 -28.02
C ALA A 216 8.69 -4.80 -27.77
N ALA A 217 7.96 -5.89 -27.99
CA ALA A 217 8.49 -7.23 -27.78
C ALA A 217 9.78 -7.45 -28.57
N TYR A 218 9.75 -7.09 -29.85
CA TYR A 218 10.90 -7.24 -30.73
C TYR A 218 12.14 -6.53 -30.17
N ARG A 219 11.97 -5.28 -29.75
CA ARG A 219 13.06 -4.49 -29.20
C ARG A 219 13.68 -5.13 -27.95
N ILE A 220 12.83 -5.55 -27.02
CA ILE A 220 13.30 -6.16 -25.79
C ILE A 220 14.06 -7.47 -26.08
N ILE A 221 13.52 -8.28 -26.97
CA ILE A 221 14.16 -9.54 -27.31
C ILE A 221 15.54 -9.30 -27.94
N GLU A 222 15.65 -8.30 -28.81
CA GLU A 222 16.92 -8.01 -29.45
C GLU A 222 17.99 -7.56 -28.45
N GLY A 223 17.56 -6.92 -27.36
CA GLY A 223 18.51 -6.46 -26.37
C GLY A 223 18.74 -7.37 -25.18
N LYS A 224 17.71 -8.12 -24.79
CA LYS A 224 17.79 -9.02 -23.62
C LYS A 224 17.75 -10.49 -24.01
N GLY A 225 17.17 -10.78 -25.17
CA GLY A 225 17.07 -12.17 -25.60
C GLY A 225 15.72 -12.76 -25.24
N ALA A 226 15.01 -12.11 -24.33
CA ALA A 226 13.70 -12.59 -23.90
C ALA A 226 12.96 -11.52 -23.10
N THR A 227 11.64 -11.61 -23.05
CA THR A 227 10.85 -10.65 -22.30
C THR A 227 10.20 -11.38 -21.13
N TYR A 228 10.10 -10.71 -19.98
CA TYR A 228 9.50 -11.34 -18.81
C TYR A 228 9.05 -10.41 -17.69
N TYR A 229 9.72 -9.29 -17.49
CA TYR A 229 9.31 -8.40 -16.41
C TYR A 229 7.90 -7.83 -16.60
N GLY A 230 7.60 -7.40 -17.82
CA GLY A 230 6.29 -6.86 -18.08
C GLY A 230 5.18 -7.88 -17.88
N ILE A 231 5.30 -9.03 -18.52
CA ILE A 231 4.26 -10.06 -18.41
C ILE A 231 4.13 -10.59 -16.98
N GLY A 232 5.22 -10.59 -16.23
CA GLY A 232 5.16 -11.06 -14.86
C GLY A 232 4.17 -10.23 -14.07
N ALA A 233 4.25 -8.90 -14.23
CA ALA A 233 3.36 -7.98 -13.52
C ALA A 233 1.95 -8.04 -14.08
N GLY A 234 1.82 -8.20 -15.40
CA GLY A 234 0.50 -8.28 -16.00
C GLY A 234 -0.23 -9.50 -15.47
N LEU A 235 0.45 -10.64 -15.46
CA LEU A 235 -0.13 -11.88 -14.96
C LEU A 235 -0.50 -11.70 -13.49
N ALA A 236 0.37 -11.07 -12.70
CA ALA A 236 0.06 -10.87 -11.30
C ALA A 236 -1.23 -10.04 -11.12
N ARG A 237 -1.47 -9.07 -12.01
CA ARG A 237 -2.68 -8.27 -11.91
C ARG A 237 -3.90 -9.13 -12.25
N LEU A 238 -3.77 -9.99 -13.26
CA LEU A 238 -4.88 -10.86 -13.63
C LEU A 238 -5.16 -11.86 -12.50
N VAL A 239 -4.09 -12.32 -11.84
CA VAL A 239 -4.27 -13.26 -10.72
C VAL A 239 -5.03 -12.53 -9.61
N ARG A 240 -4.68 -11.27 -9.37
CA ARG A 240 -5.35 -10.50 -8.33
C ARG A 240 -6.85 -10.36 -8.65
N ALA A 241 -7.16 -10.10 -9.92
CA ALA A 241 -8.56 -9.98 -10.33
C ALA A 241 -9.31 -11.27 -10.04
N ILE A 242 -8.68 -12.40 -10.35
CA ILE A 242 -9.30 -13.70 -10.13
C ILE A 242 -9.52 -13.98 -8.65
N LEU A 243 -8.46 -13.81 -7.85
CA LEU A 243 -8.55 -14.08 -6.42
C LEU A 243 -9.53 -13.17 -5.66
N THR A 244 -9.69 -11.94 -6.12
CA THR A 244 -10.58 -11.00 -5.46
C THR A 244 -11.97 -10.93 -6.10
N ASP A 245 -12.22 -11.79 -7.09
CA ASP A 245 -13.49 -11.82 -7.81
C ASP A 245 -13.86 -10.38 -8.18
N GLU A 246 -12.87 -9.71 -8.77
CA GLU A 246 -12.96 -8.31 -9.16
C GLU A 246 -14.02 -7.97 -10.20
N LYS A 247 -14.14 -8.82 -11.22
CA LYS A 247 -15.09 -8.61 -12.31
C LYS A 247 -14.72 -7.33 -13.06
N GLY A 248 -13.42 -7.12 -13.24
CA GLY A 248 -12.92 -5.96 -13.96
C GLY A 248 -12.73 -6.31 -15.43
N VAL A 249 -12.63 -5.30 -16.28
CA VAL A 249 -12.47 -5.52 -17.72
C VAL A 249 -11.00 -5.55 -18.15
N TYR A 250 -10.61 -6.62 -18.84
CA TYR A 250 -9.25 -6.77 -19.34
C TYR A 250 -9.25 -7.38 -20.74
N THR A 251 -8.34 -6.93 -21.59
CA THR A 251 -8.25 -7.49 -22.94
C THR A 251 -7.40 -8.76 -22.85
N VAL A 252 -8.07 -9.86 -22.53
CA VAL A 252 -7.42 -11.16 -22.40
C VAL A 252 -7.98 -12.14 -23.43
N SER A 253 -7.24 -13.20 -23.69
CA SER A 253 -7.63 -14.21 -24.67
C SER A 253 -8.48 -15.34 -24.08
N ALA A 254 -9.53 -15.74 -24.81
CA ALA A 254 -10.38 -16.84 -24.36
C ALA A 254 -11.12 -17.43 -25.55
N PHE A 255 -11.59 -18.67 -25.39
CA PHE A 255 -12.33 -19.36 -26.44
C PHE A 255 -13.60 -18.56 -26.71
N THR A 256 -13.79 -18.18 -27.98
CA THR A 256 -14.93 -17.38 -28.38
C THR A 256 -15.79 -18.10 -29.43
N PRO A 257 -17.09 -18.21 -29.17
CA PRO A 257 -18.01 -18.88 -30.10
C PRO A 257 -17.92 -18.32 -31.51
N GLU A 258 -17.90 -17.00 -31.62
CA GLU A 258 -17.83 -16.36 -32.92
C GLU A 258 -17.22 -14.97 -32.87
N VAL A 259 -16.24 -14.73 -33.74
CA VAL A 259 -15.56 -13.44 -33.80
C VAL A 259 -15.60 -12.96 -35.25
N GLU A 260 -16.44 -11.95 -35.52
CA GLU A 260 -16.57 -11.41 -36.87
C GLU A 260 -16.76 -12.51 -37.91
N GLY A 261 -17.65 -13.46 -37.61
CA GLY A 261 -17.91 -14.54 -38.54
C GLY A 261 -17.06 -15.78 -38.37
N VAL A 262 -15.88 -15.63 -37.76
CA VAL A 262 -15.00 -16.77 -37.53
C VAL A 262 -15.48 -17.51 -36.29
N LEU A 263 -15.63 -18.84 -36.42
CA LEU A 263 -16.14 -19.67 -35.34
C LEU A 263 -15.13 -20.42 -34.49
N GLU A 264 -15.43 -20.51 -33.21
CA GLU A 264 -14.60 -21.25 -32.25
C GLU A 264 -13.10 -20.96 -32.32
N VAL A 265 -12.72 -19.77 -31.88
CA VAL A 265 -11.32 -19.35 -31.89
C VAL A 265 -11.01 -18.56 -30.63
N SER A 266 -9.74 -18.59 -30.21
CA SER A 266 -9.30 -17.86 -29.01
C SER A 266 -8.46 -16.63 -29.37
N LEU A 267 -8.84 -15.48 -28.84
CA LEU A 267 -8.11 -14.24 -29.08
C LEU A 267 -8.55 -13.21 -28.05
N SER A 268 -7.90 -12.05 -28.02
CA SER A 268 -8.25 -11.04 -27.04
C SER A 268 -9.40 -10.12 -27.41
N LEU A 269 -10.30 -9.94 -26.45
CA LEU A 269 -11.45 -9.04 -26.54
C LEU A 269 -11.57 -8.51 -25.12
N PRO A 270 -12.31 -7.40 -24.92
CA PRO A 270 -12.44 -6.88 -23.55
C PRO A 270 -13.36 -7.85 -22.81
N ARG A 271 -12.87 -8.45 -21.73
CA ARG A 271 -13.69 -9.42 -21.00
C ARG A 271 -13.73 -9.15 -19.50
N ILE A 272 -14.85 -9.53 -18.88
CA ILE A 272 -15.04 -9.35 -17.45
C ILE A 272 -14.37 -10.53 -16.74
N LEU A 273 -13.41 -10.22 -15.87
CA LEU A 273 -12.65 -11.26 -15.18
C LEU A 273 -12.89 -11.33 -13.68
N GLY A 274 -13.25 -12.53 -13.22
CA GLY A 274 -13.53 -12.77 -11.81
C GLY A 274 -13.06 -14.15 -11.36
N ALA A 275 -13.60 -14.60 -10.23
CA ALA A 275 -13.21 -15.89 -9.65
C ALA A 275 -13.44 -17.13 -10.51
N GLY A 276 -14.36 -17.05 -11.47
CA GLY A 276 -14.59 -18.21 -12.32
C GLY A 276 -13.94 -18.04 -13.68
N GLY A 277 -13.10 -17.02 -13.81
CA GLY A 277 -12.46 -16.75 -15.08
C GLY A 277 -13.23 -15.64 -15.76
N VAL A 278 -13.27 -15.64 -17.11
CA VAL A 278 -14.01 -14.60 -17.81
C VAL A 278 -15.50 -14.94 -17.77
N GLU A 279 -16.32 -13.92 -17.55
CA GLU A 279 -17.77 -14.12 -17.43
C GLU A 279 -18.58 -13.08 -18.20
N GLY A 280 -18.11 -12.71 -19.38
CA GLY A 280 -18.81 -11.73 -20.18
C GLY A 280 -17.88 -10.96 -21.09
N THR A 281 -18.37 -10.59 -22.27
CA THR A 281 -17.55 -9.84 -23.22
C THR A 281 -18.18 -8.48 -23.46
N VAL A 282 -17.34 -7.45 -23.47
CA VAL A 282 -17.82 -6.09 -23.72
C VAL A 282 -17.27 -5.70 -25.09
N TYR A 283 -17.99 -6.06 -26.14
CA TYR A 283 -17.56 -5.78 -27.51
C TYR A 283 -17.65 -4.30 -27.86
N PRO A 284 -16.52 -3.69 -28.23
CA PRO A 284 -16.44 -2.28 -28.59
C PRO A 284 -16.79 -2.01 -30.06
N SER A 285 -17.06 -0.75 -30.39
CA SER A 285 -17.37 -0.38 -31.77
C SER A 285 -16.07 -0.45 -32.56
N LEU A 286 -16.14 -1.01 -33.76
CA LEU A 286 -14.96 -1.13 -34.60
C LEU A 286 -15.18 -0.52 -35.98
N SER A 287 -14.09 -0.03 -36.56
CA SER A 287 -14.16 0.56 -37.91
C SER A 287 -13.96 -0.57 -38.92
N PRO A 288 -14.35 -0.34 -40.18
CA PRO A 288 -14.18 -1.38 -41.21
C PRO A 288 -12.77 -1.97 -41.25
N GLU A 289 -11.77 -1.09 -41.18
CA GLU A 289 -10.38 -1.52 -41.22
C GLU A 289 -10.00 -2.39 -40.02
N GLU A 290 -10.42 -1.97 -38.82
CA GLU A 290 -10.12 -2.71 -37.60
C GLU A 290 -10.79 -4.08 -37.59
N ARG A 291 -12.03 -4.13 -38.04
CA ARG A 291 -12.78 -5.37 -38.09
C ARG A 291 -12.17 -6.37 -39.07
N GLU A 292 -11.75 -5.86 -40.22
CA GLU A 292 -11.15 -6.71 -41.25
C GLU A 292 -9.84 -7.30 -40.73
N ALA A 293 -9.05 -6.47 -40.06
CA ALA A 293 -7.79 -6.91 -39.50
C ALA A 293 -8.08 -7.99 -38.47
N LEU A 294 -9.10 -7.76 -37.66
CA LEU A 294 -9.50 -8.70 -36.63
C LEU A 294 -9.97 -10.02 -37.24
N ARG A 295 -10.81 -9.91 -38.27
CA ARG A 295 -11.33 -11.10 -38.94
C ARG A 295 -10.18 -11.93 -39.51
N ARG A 296 -9.29 -11.28 -40.25
CA ARG A 296 -8.15 -11.99 -40.84
C ARG A 296 -7.32 -12.64 -39.75
N SER A 297 -7.15 -11.94 -38.64
CA SER A 297 -6.38 -12.42 -37.50
C SER A 297 -7.04 -13.67 -36.92
N ALA A 298 -8.36 -13.62 -36.75
CA ALA A 298 -9.10 -14.75 -36.20
C ALA A 298 -9.00 -15.94 -37.14
N GLU A 299 -9.08 -15.65 -38.44
CA GLU A 299 -9.01 -16.69 -39.45
C GLU A 299 -7.69 -17.42 -39.39
N ILE A 300 -6.60 -16.68 -39.22
CA ILE A 300 -5.27 -17.28 -39.14
C ILE A 300 -5.13 -18.13 -37.87
N LEU A 301 -5.65 -17.61 -36.76
CA LEU A 301 -5.58 -18.34 -35.49
C LEU A 301 -6.33 -19.65 -35.60
N LYS A 302 -7.52 -19.61 -36.20
CA LYS A 302 -8.32 -20.82 -36.34
C LYS A 302 -7.60 -21.86 -37.19
N GLU A 303 -6.85 -21.39 -38.19
CA GLU A 303 -6.11 -22.27 -39.08
C GLU A 303 -4.98 -22.96 -38.32
N ALA A 304 -4.29 -22.22 -37.47
CA ALA A 304 -3.20 -22.76 -36.69
C ALA A 304 -3.74 -23.84 -35.75
N ALA A 305 -4.91 -23.59 -35.18
CA ALA A 305 -5.55 -24.54 -34.28
C ALA A 305 -5.94 -25.79 -35.05
N PHE A 306 -6.42 -25.60 -36.28
CA PHE A 306 -6.84 -26.72 -37.11
C PHE A 306 -5.67 -27.67 -37.40
N ALA A 307 -4.50 -27.09 -37.67
CA ALA A 307 -3.31 -27.88 -37.97
C ALA A 307 -2.94 -28.75 -36.77
N LEU A 308 -3.10 -28.21 -35.57
CA LEU A 308 -2.80 -28.94 -34.34
C LEU A 308 -3.93 -29.87 -33.93
N GLY A 309 -5.10 -29.66 -34.50
CA GLY A 309 -6.24 -30.49 -34.17
C GLY A 309 -7.14 -29.90 -33.09
N PHE A 310 -7.04 -28.60 -32.88
CA PHE A 310 -7.86 -27.93 -31.88
C PHE A 310 -8.75 -26.86 -32.49
N MET B 1 -13.06 -11.57 5.52
CA MET B 1 -13.31 -11.69 6.99
C MET B 1 -14.21 -10.55 7.46
N LYS B 2 -14.84 -10.74 8.61
CA LYS B 2 -15.75 -9.74 9.17
C LYS B 2 -15.34 -9.26 10.55
N VAL B 3 -15.46 -7.95 10.76
CA VAL B 3 -15.15 -7.36 12.05
C VAL B 3 -16.39 -6.65 12.56
N GLY B 4 -16.71 -6.84 13.84
CA GLY B 4 -17.88 -6.19 14.40
C GLY B 4 -17.46 -5.08 15.35
N ILE B 5 -18.32 -4.06 15.49
CA ILE B 5 -18.06 -2.95 16.39
C ILE B 5 -19.36 -2.57 17.10
N VAL B 6 -19.41 -2.81 18.40
CA VAL B 6 -20.59 -2.49 19.20
C VAL B 6 -20.37 -1.12 19.84
N GLY B 7 -21.25 -0.19 19.50
CA GLY B 7 -21.13 1.17 20.00
C GLY B 7 -20.63 2.00 18.83
N SER B 8 -21.52 2.79 18.23
CA SER B 8 -21.15 3.60 17.08
C SER B 8 -20.95 5.08 17.40
N GLY B 9 -20.26 5.35 18.51
CA GLY B 9 -19.97 6.73 18.89
C GLY B 9 -18.71 7.15 18.15
N MET B 10 -18.00 8.16 18.65
CA MET B 10 -16.79 8.60 17.98
C MET B 10 -15.69 7.53 17.97
N VAL B 11 -15.52 6.79 19.07
CA VAL B 11 -14.49 5.75 19.09
C VAL B 11 -14.85 4.59 18.15
N GLY B 12 -16.08 4.10 18.26
CA GLY B 12 -16.51 3.00 17.42
C GLY B 12 -16.47 3.36 15.95
N SER B 13 -16.97 4.55 15.60
CA SER B 13 -16.99 4.97 14.20
C SER B 13 -15.60 5.29 13.66
N ALA B 14 -14.72 5.84 14.50
CA ALA B 14 -13.37 6.17 14.05
C ALA B 14 -12.62 4.88 13.74
N THR B 15 -12.91 3.84 14.53
CA THR B 15 -12.29 2.55 14.34
C THR B 15 -12.75 1.98 13.01
N ALA B 16 -14.04 2.10 12.73
CA ALA B 16 -14.59 1.60 11.47
C ALA B 16 -13.97 2.36 10.31
N TYR B 17 -13.77 3.66 10.48
CA TYR B 17 -13.17 4.49 9.44
C TYR B 17 -11.74 4.06 9.15
N ALA B 18 -10.96 3.84 10.21
CA ALA B 18 -9.57 3.42 10.06
C ALA B 18 -9.48 2.04 9.41
N LEU B 19 -10.35 1.11 9.82
CA LEU B 19 -10.35 -0.23 9.24
C LEU B 19 -10.62 -0.11 7.74
N ALA B 20 -11.52 0.79 7.38
CA ALA B 20 -11.87 1.01 5.98
C ALA B 20 -10.71 1.62 5.19
N LEU B 21 -10.17 2.74 5.68
CA LEU B 21 -9.07 3.40 4.99
C LEU B 21 -7.82 2.53 4.84
N LEU B 22 -7.59 1.64 5.80
CA LEU B 22 -6.42 0.77 5.76
C LEU B 22 -6.73 -0.59 5.11
N GLY B 23 -7.99 -0.79 4.73
CA GLY B 23 -8.41 -2.04 4.11
C GLY B 23 -8.10 -3.30 4.92
N VAL B 24 -8.38 -3.24 6.21
CA VAL B 24 -8.11 -4.35 7.13
C VAL B 24 -9.02 -5.57 6.95
N ALA B 25 -10.31 -5.34 6.72
CA ALA B 25 -11.24 -6.43 6.55
C ALA B 25 -12.22 -6.13 5.42
N ARG B 26 -12.81 -7.17 4.85
CA ARG B 26 -13.77 -7.02 3.76
C ARG B 26 -15.11 -6.52 4.26
N GLU B 27 -15.47 -6.88 5.49
CA GLU B 27 -16.74 -6.46 6.04
C GLU B 27 -16.64 -5.91 7.45
N VAL B 28 -17.29 -4.76 7.68
CA VAL B 28 -17.31 -4.13 8.99
C VAL B 28 -18.76 -3.86 9.37
N VAL B 29 -19.20 -4.39 10.51
CA VAL B 29 -20.56 -4.22 10.98
C VAL B 29 -20.64 -3.39 12.27
N LEU B 30 -21.36 -2.27 12.19
CA LEU B 30 -21.55 -1.38 13.34
C LEU B 30 -22.90 -1.66 14.01
N VAL B 31 -22.85 -1.92 15.32
CA VAL B 31 -24.05 -2.21 16.09
C VAL B 31 -24.24 -1.17 17.19
N ASP B 32 -25.43 -0.59 17.29
CA ASP B 32 -25.71 0.42 18.30
C ASP B 32 -27.21 0.49 18.58
N LEU B 33 -27.55 0.69 19.85
CA LEU B 33 -28.94 0.80 20.26
C LEU B 33 -29.62 1.89 19.42
N ASP B 34 -28.83 2.93 19.11
CA ASP B 34 -29.30 4.04 18.30
C ASP B 34 -29.11 3.64 16.84
N ARG B 35 -30.10 2.94 16.29
CA ARG B 35 -30.06 2.43 14.93
C ARG B 35 -29.62 3.46 13.87
N LYS B 36 -30.24 4.63 13.86
CA LYS B 36 -29.90 5.65 12.88
C LYS B 36 -28.45 6.14 13.02
N LEU B 37 -27.94 6.19 14.24
CA LEU B 37 -26.57 6.63 14.48
C LEU B 37 -25.62 5.70 13.72
N ALA B 38 -25.79 4.41 13.92
CA ALA B 38 -24.94 3.42 13.27
C ALA B 38 -25.10 3.45 11.75
N GLN B 39 -26.34 3.55 11.28
CA GLN B 39 -26.59 3.59 9.85
C GLN B 39 -25.96 4.83 9.21
N ALA B 40 -25.99 5.95 9.92
CA ALA B 40 -25.43 7.20 9.40
C ALA B 40 -23.91 7.11 9.31
N HIS B 41 -23.27 6.61 10.35
CA HIS B 41 -21.82 6.48 10.34
C HIS B 41 -21.40 5.52 9.24
N ALA B 42 -22.11 4.40 9.13
CA ALA B 42 -21.81 3.40 8.13
C ALA B 42 -21.90 3.96 6.71
N GLU B 43 -22.98 4.71 6.43
CA GLU B 43 -23.15 5.30 5.11
C GLU B 43 -22.13 6.39 4.84
N ASP B 44 -21.79 7.16 5.87
CA ASP B 44 -20.80 8.23 5.72
C ASP B 44 -19.45 7.60 5.34
N ILE B 45 -19.09 6.52 6.03
CA ILE B 45 -17.83 5.83 5.77
C ILE B 45 -17.87 5.13 4.41
N LEU B 46 -19.04 4.62 4.03
CA LEU B 46 -19.16 3.93 2.75
C LEU B 46 -18.83 4.88 1.60
N HIS B 47 -19.10 6.17 1.78
CA HIS B 47 -18.80 7.16 0.74
C HIS B 47 -17.30 7.39 0.61
N ALA B 48 -16.54 6.94 1.60
CA ALA B 48 -15.09 7.11 1.56
C ALA B 48 -14.39 5.94 0.88
N THR B 49 -15.01 4.76 0.92
CA THR B 49 -14.37 3.57 0.35
C THR B 49 -13.93 3.62 -1.11
N PRO B 50 -14.67 4.35 -1.97
CA PRO B 50 -14.19 4.37 -3.36
C PRO B 50 -12.82 5.03 -3.47
N PHE B 51 -12.45 5.78 -2.43
CA PHE B 51 -11.17 6.48 -2.43
C PHE B 51 -10.07 5.79 -1.63
N ALA B 52 -10.29 4.52 -1.31
CA ALA B 52 -9.28 3.78 -0.56
C ALA B 52 -9.28 2.30 -0.91
N HIS B 53 -10.15 1.54 -0.25
CA HIS B 53 -10.23 0.10 -0.47
C HIS B 53 -11.66 -0.41 -0.48
N PRO B 54 -11.91 -1.50 -1.22
CA PRO B 54 -13.26 -2.07 -1.30
C PRO B 54 -13.61 -2.76 0.01
N VAL B 55 -14.34 -2.05 0.86
CA VAL B 55 -14.77 -2.55 2.16
C VAL B 55 -16.25 -2.29 2.35
N TRP B 56 -16.98 -3.32 2.76
CA TRP B 56 -18.41 -3.17 2.97
C TRP B 56 -18.72 -2.83 4.43
N VAL B 57 -18.99 -1.56 4.68
CA VAL B 57 -19.30 -1.08 6.02
C VAL B 57 -20.82 -0.90 6.13
N ARG B 58 -21.42 -1.48 7.16
CA ARG B 58 -22.87 -1.39 7.35
C ARG B 58 -23.27 -1.46 8.81
N ALA B 59 -24.50 -1.04 9.08
CA ALA B 59 -25.06 -1.10 10.41
C ALA B 59 -25.87 -2.39 10.48
N GLY B 60 -25.96 -2.98 11.65
CA GLY B 60 -26.71 -4.23 11.79
C GLY B 60 -27.03 -4.57 13.23
N SER B 61 -27.65 -5.72 13.42
CA SER B 61 -28.00 -6.19 14.76
C SER B 61 -26.91 -7.13 15.22
N TYR B 62 -27.03 -7.63 16.46
CA TYR B 62 -26.03 -8.56 16.97
C TYR B 62 -25.96 -9.79 16.07
N GLY B 63 -27.12 -10.25 15.60
CA GLY B 63 -27.15 -11.41 14.74
C GLY B 63 -26.31 -11.26 13.49
N ASP B 64 -26.12 -10.01 13.05
CA ASP B 64 -25.33 -9.73 11.86
C ASP B 64 -23.83 -9.87 12.11
N LEU B 65 -23.45 -10.15 13.36
CA LEU B 65 -22.06 -10.32 13.72
C LEU B 65 -21.61 -11.76 13.44
N GLU B 66 -22.55 -12.57 12.97
CA GLU B 66 -22.27 -13.96 12.66
C GLU B 66 -21.01 -14.10 11.82
N GLY B 67 -20.08 -14.95 12.27
CA GLY B 67 -18.86 -15.16 11.54
C GLY B 67 -17.74 -14.16 11.78
N ALA B 68 -17.96 -13.21 12.68
CA ALA B 68 -16.95 -12.20 12.98
C ALA B 68 -15.79 -12.79 13.78
N ARG B 69 -14.57 -12.56 13.29
CA ARG B 69 -13.36 -13.04 13.96
C ARG B 69 -13.03 -12.16 15.17
N ALA B 70 -13.40 -10.89 15.09
CA ALA B 70 -13.14 -9.96 16.18
C ALA B 70 -14.27 -8.95 16.32
N VAL B 71 -14.63 -8.65 17.56
CA VAL B 71 -15.68 -7.67 17.85
C VAL B 71 -15.15 -6.66 18.84
N VAL B 72 -15.17 -5.39 18.42
CA VAL B 72 -14.70 -4.29 19.24
C VAL B 72 -15.83 -3.81 20.15
N LEU B 73 -15.53 -3.65 21.44
CA LEU B 73 -16.52 -3.18 22.39
C LEU B 73 -16.23 -1.75 22.77
N ALA B 74 -16.86 -0.82 22.04
CA ALA B 74 -16.71 0.60 22.30
C ALA B 74 -18.07 1.12 22.71
N ALA B 75 -18.77 0.33 23.52
CA ALA B 75 -20.10 0.69 23.99
C ALA B 75 -20.02 1.41 25.33
N GLY B 76 -20.96 2.30 25.56
CA GLY B 76 -20.99 3.06 26.80
C GLY B 76 -22.15 4.02 26.81
N VAL B 77 -22.36 4.67 27.95
CA VAL B 77 -23.45 5.62 28.07
C VAL B 77 -22.91 7.00 28.37
N ALA B 78 -23.58 8.02 27.85
CA ALA B 78 -23.16 9.39 28.08
C ALA B 78 -23.36 9.67 29.57
N GLN B 79 -22.33 10.21 30.21
CA GLN B 79 -22.41 10.52 31.64
C GLN B 79 -23.52 11.54 31.92
N ARG B 80 -24.55 11.09 32.62
CA ARG B 80 -25.67 11.96 32.97
C ARG B 80 -25.25 12.99 34.01
N PRO B 81 -25.97 14.12 34.09
CA PRO B 81 -25.63 15.15 35.08
C PRO B 81 -25.87 14.64 36.50
N GLY B 82 -25.01 15.04 37.42
CA GLY B 82 -25.17 14.60 38.80
C GLY B 82 -24.86 13.12 38.92
N GLU B 83 -23.70 12.73 38.41
CA GLU B 83 -23.25 11.34 38.45
C GLU B 83 -21.74 11.26 38.64
N THR B 84 -21.32 10.35 39.52
CA THR B 84 -19.90 10.16 39.80
C THR B 84 -19.30 9.11 38.87
N ARG B 85 -17.98 8.95 38.94
CA ARG B 85 -17.31 7.96 38.10
C ARG B 85 -17.76 6.56 38.47
N LEU B 86 -17.90 6.31 39.77
CA LEU B 86 -18.34 5.00 40.24
C LEU B 86 -19.78 4.74 39.84
N GLN B 87 -20.55 5.82 39.70
CA GLN B 87 -21.94 5.72 39.31
C GLN B 87 -21.99 5.40 37.82
N LEU B 88 -21.16 6.11 37.06
CA LEU B 88 -21.07 5.91 35.62
C LEU B 88 -20.47 4.53 35.33
N LEU B 89 -19.42 4.19 36.08
CA LEU B 89 -18.75 2.92 35.93
C LEU B 89 -19.73 1.76 36.09
N ASP B 90 -20.66 1.91 37.02
CA ASP B 90 -21.65 0.87 37.27
C ASP B 90 -22.58 0.74 36.07
N ARG B 91 -22.94 1.86 35.47
CA ARG B 91 -23.82 1.86 34.30
C ARG B 91 -23.18 1.14 33.12
N ASN B 92 -21.98 1.55 32.75
CA ASN B 92 -21.28 0.92 31.64
C ASN B 92 -21.11 -0.56 31.93
N ALA B 93 -20.92 -0.90 33.19
CA ALA B 93 -20.76 -2.29 33.60
C ALA B 93 -22.06 -3.02 33.27
N GLN B 94 -23.19 -2.32 33.46
CA GLN B 94 -24.49 -2.90 33.18
C GLN B 94 -24.66 -3.08 31.68
N VAL B 95 -24.21 -2.09 30.92
CA VAL B 95 -24.28 -2.13 29.46
C VAL B 95 -23.55 -3.37 28.96
N PHE B 96 -22.37 -3.61 29.52
CA PHE B 96 -21.56 -4.76 29.14
C PHE B 96 -22.28 -6.07 29.49
N ALA B 97 -23.04 -6.05 30.58
CA ALA B 97 -23.78 -7.23 31.01
C ALA B 97 -24.76 -7.66 29.92
N GLN B 98 -25.22 -6.68 29.14
CA GLN B 98 -26.15 -6.94 28.06
C GLN B 98 -25.40 -7.26 26.77
N VAL B 99 -24.46 -6.38 26.42
CA VAL B 99 -23.67 -6.51 25.21
C VAL B 99 -22.88 -7.80 25.05
N VAL B 100 -22.08 -8.15 26.04
CA VAL B 100 -21.25 -9.35 25.98
C VAL B 100 -22.04 -10.61 25.60
N PRO B 101 -23.17 -10.87 26.28
CA PRO B 101 -23.97 -12.05 25.96
C PRO B 101 -24.49 -12.01 24.53
N ARG B 102 -25.08 -10.87 24.16
CA ARG B 102 -25.62 -10.69 22.81
C ARG B 102 -24.57 -11.00 21.74
N VAL B 103 -23.40 -10.37 21.88
CA VAL B 103 -22.32 -10.57 20.91
C VAL B 103 -21.92 -12.04 20.77
N LEU B 104 -21.72 -12.70 21.89
CA LEU B 104 -21.31 -14.11 21.87
C LEU B 104 -22.44 -15.02 21.35
N GLU B 105 -23.69 -14.62 21.58
CA GLU B 105 -24.81 -15.41 21.10
C GLU B 105 -24.74 -15.52 19.58
N ALA B 106 -24.40 -14.40 18.94
CA ALA B 106 -24.28 -14.36 17.48
C ALA B 106 -22.92 -14.85 16.99
N ALA B 107 -21.86 -14.49 17.70
CA ALA B 107 -20.51 -14.89 17.32
C ALA B 107 -19.74 -15.42 18.53
N PRO B 108 -20.00 -16.68 18.91
CA PRO B 108 -19.34 -17.30 20.05
C PRO B 108 -17.83 -17.55 19.90
N GLU B 109 -17.30 -17.44 18.69
CA GLU B 109 -15.88 -17.68 18.45
C GLU B 109 -15.04 -16.45 18.10
N ALA B 110 -15.59 -15.27 18.35
CA ALA B 110 -14.86 -14.05 18.05
C ALA B 110 -13.98 -13.64 19.22
N VAL B 111 -12.94 -12.86 18.93
CA VAL B 111 -12.05 -12.34 19.97
C VAL B 111 -12.70 -11.02 20.35
N LEU B 112 -12.76 -10.74 21.64
CA LEU B 112 -13.38 -9.49 22.09
C LEU B 112 -12.32 -8.42 22.38
N LEU B 113 -12.43 -7.29 21.70
CA LEU B 113 -11.49 -6.17 21.89
C LEU B 113 -12.19 -5.05 22.64
N VAL B 114 -11.86 -4.89 23.93
CA VAL B 114 -12.46 -3.87 24.77
C VAL B 114 -11.78 -2.51 24.60
N ALA B 115 -12.58 -1.46 24.42
CA ALA B 115 -12.05 -0.11 24.25
C ALA B 115 -12.63 0.88 25.25
N THR B 116 -13.81 0.58 25.77
CA THR B 116 -14.49 1.46 26.72
C THR B 116 -13.68 1.72 27.99
N ASN B 117 -13.58 2.99 28.38
CA ASN B 117 -12.83 3.39 29.56
C ASN B 117 -13.65 3.28 30.84
N PRO B 118 -13.00 2.93 31.96
CA PRO B 118 -11.56 2.63 32.07
C PRO B 118 -11.31 1.26 31.45
N VAL B 119 -10.46 1.22 30.43
CA VAL B 119 -10.20 -0.02 29.70
C VAL B 119 -9.79 -1.24 30.52
N ASP B 120 -8.96 -1.07 31.54
CA ASP B 120 -8.52 -2.23 32.31
C ASP B 120 -9.65 -2.86 33.13
N VAL B 121 -10.44 -2.01 33.80
CA VAL B 121 -11.55 -2.52 34.59
C VAL B 121 -12.57 -3.17 33.66
N MET B 122 -12.91 -2.47 32.57
CA MET B 122 -13.88 -2.99 31.62
C MET B 122 -13.42 -4.28 30.95
N THR B 123 -12.11 -4.45 30.80
CA THR B 123 -11.59 -5.67 30.20
C THR B 123 -11.84 -6.82 31.17
N GLN B 124 -11.72 -6.52 32.47
CA GLN B 124 -11.96 -7.53 33.50
C GLN B 124 -13.44 -7.87 33.50
N VAL B 125 -14.27 -6.84 33.35
CA VAL B 125 -15.72 -7.02 33.34
C VAL B 125 -16.12 -7.91 32.18
N ALA B 126 -15.59 -7.62 31.00
CA ALA B 126 -15.89 -8.40 29.80
C ALA B 126 -15.42 -9.84 29.96
N TYR B 127 -14.24 -10.02 30.55
CA TYR B 127 -13.68 -11.35 30.76
C TYR B 127 -14.56 -12.24 31.65
N ARG B 128 -14.97 -11.69 32.79
CA ARG B 128 -15.82 -12.44 33.72
C ARG B 128 -17.14 -12.84 33.09
N LEU B 129 -17.73 -11.94 32.32
CA LEU B 129 -19.01 -12.18 31.67
C LEU B 129 -18.92 -13.09 30.45
N SER B 130 -17.79 -13.06 29.75
CA SER B 130 -17.61 -13.86 28.55
C SER B 130 -17.59 -15.36 28.80
N ALA B 131 -17.09 -15.76 29.97
CA ALA B 131 -17.00 -17.18 30.33
C ALA B 131 -16.06 -17.85 29.32
N LEU B 132 -15.22 -17.04 28.69
CA LEU B 132 -14.26 -17.51 27.69
C LEU B 132 -12.87 -17.59 28.31
N PRO B 133 -11.92 -18.25 27.62
CA PRO B 133 -10.56 -18.36 28.12
C PRO B 133 -9.99 -16.94 28.27
N PRO B 134 -9.04 -16.74 29.20
CA PRO B 134 -8.44 -15.43 29.43
C PRO B 134 -7.95 -14.69 28.18
N GLY B 135 -7.25 -15.39 27.30
CA GLY B 135 -6.71 -14.77 26.09
C GLY B 135 -7.70 -14.27 25.04
N ARG B 136 -8.95 -14.71 25.15
CA ARG B 136 -9.97 -14.29 24.18
C ARG B 136 -10.51 -12.88 24.39
N VAL B 137 -10.21 -12.29 25.54
CA VAL B 137 -10.67 -10.93 25.83
C VAL B 137 -9.46 -10.02 25.98
N VAL B 138 -9.31 -9.10 25.04
CA VAL B 138 -8.18 -8.17 25.04
C VAL B 138 -8.61 -6.71 25.07
N GLY B 139 -7.94 -5.92 25.92
CA GLY B 139 -8.25 -4.51 25.99
C GLY B 139 -7.16 -3.70 25.30
N SER B 140 -7.52 -2.60 24.66
CA SER B 140 -6.54 -1.77 23.96
C SER B 140 -5.40 -1.38 24.90
N GLY B 141 -5.73 -1.20 26.17
CA GLY B 141 -4.73 -0.85 27.16
C GLY B 141 -3.85 0.35 26.83
N THR B 142 -2.54 0.16 26.96
CA THR B 142 -1.56 1.22 26.72
C THR B 142 -0.95 1.23 25.33
N ILE B 143 -1.59 0.61 24.34
CA ILE B 143 -1.00 0.59 23.01
C ILE B 143 -0.64 1.96 22.45
N LEU B 144 -1.50 2.96 22.66
CA LEU B 144 -1.21 4.31 22.15
C LEU B 144 -0.06 4.97 22.90
N ASP B 145 -0.02 4.78 24.22
CA ASP B 145 1.03 5.38 25.05
C ASP B 145 2.38 4.76 24.72
N THR B 146 2.41 3.46 24.50
CA THR B 146 3.65 2.77 24.14
C THR B 146 4.17 3.31 22.80
N ALA B 147 3.26 3.46 21.84
CA ALA B 147 3.64 3.95 20.53
C ALA B 147 4.13 5.40 20.56
N ARG B 148 3.51 6.22 21.41
CA ARG B 148 3.90 7.62 21.54
C ARG B 148 5.23 7.71 22.25
N PHE B 149 5.45 6.83 23.23
CA PHE B 149 6.71 6.79 23.98
C PHE B 149 7.84 6.52 22.98
N ARG B 150 7.64 5.54 22.10
CA ARG B 150 8.65 5.20 21.09
C ARG B 150 8.86 6.34 20.10
N ALA B 151 7.77 7.02 19.73
CA ALA B 151 7.85 8.13 18.79
C ALA B 151 8.68 9.28 19.36
N LEU B 152 8.43 9.64 20.62
CA LEU B 152 9.17 10.72 21.24
C LEU B 152 10.64 10.34 21.44
N LEU B 153 10.90 9.07 21.72
CA LEU B 153 12.28 8.63 21.91
C LEU B 153 12.99 8.67 20.57
N ALA B 154 12.30 8.26 19.52
CA ALA B 154 12.85 8.25 18.16
C ALA B 154 13.24 9.65 17.71
N GLU B 155 12.39 10.62 18.01
CA GLU B 155 12.64 12.01 17.66
C GLU B 155 13.88 12.54 18.39
N HIS B 156 13.98 12.22 19.67
CA HIS B 156 15.10 12.67 20.47
C HIS B 156 16.42 12.04 20.02
N LEU B 157 16.38 10.75 19.72
CA LEU B 157 17.57 10.01 19.32
C LEU B 157 17.92 10.07 17.84
N ARG B 158 17.02 10.62 17.03
CA ARG B 158 17.22 10.69 15.58
C ARG B 158 17.37 9.29 15.01
N VAL B 159 16.38 8.44 15.28
CA VAL B 159 16.38 7.07 14.78
C VAL B 159 14.94 6.72 14.43
N ALA B 160 14.76 5.68 13.61
CA ALA B 160 13.42 5.27 13.19
C ALA B 160 12.62 4.68 14.35
N PRO B 161 11.35 5.06 14.49
CA PRO B 161 10.51 4.53 15.57
C PRO B 161 10.52 3.00 15.59
N GLN B 162 10.62 2.41 14.42
CA GLN B 162 10.64 0.96 14.29
C GLN B 162 11.84 0.33 14.99
N SER B 163 12.89 1.11 15.21
CA SER B 163 14.08 0.58 15.88
C SER B 163 14.07 0.81 17.39
N VAL B 164 13.04 1.48 17.89
CA VAL B 164 12.96 1.75 19.31
C VAL B 164 12.07 0.72 20.00
N HIS B 165 12.65 -0.02 20.93
CA HIS B 165 11.93 -1.02 21.69
C HIS B 165 11.69 -0.45 23.10
N ALA B 166 10.48 0.03 23.35
CA ALA B 166 10.15 0.62 24.64
C ALA B 166 8.69 0.37 24.96
N TYR B 167 8.38 0.21 26.24
CA TYR B 167 7.00 -0.08 26.64
C TYR B 167 6.45 0.83 27.72
N VAL B 168 5.13 0.92 27.72
CA VAL B 168 4.38 1.63 28.74
C VAL B 168 3.48 0.50 29.21
N LEU B 169 3.59 0.13 30.48
CA LEU B 169 2.82 -0.98 31.01
C LEU B 169 1.89 -0.60 32.17
N GLY B 170 1.12 -1.59 32.63
CA GLY B 170 0.22 -1.36 33.75
C GLY B 170 -1.15 -0.83 33.42
N GLU B 171 -1.63 0.05 34.28
CA GLU B 171 -2.94 0.65 34.12
C GLU B 171 -2.90 1.82 33.15
N HIS B 172 -3.77 1.79 32.16
CA HIS B 172 -3.85 2.87 31.17
C HIS B 172 -4.37 4.10 31.90
N GLY B 173 -3.54 5.13 31.98
CA GLY B 173 -3.95 6.34 32.67
C GLY B 173 -2.78 6.97 33.39
N ASP B 174 -3.07 7.82 34.38
CA ASP B 174 -2.04 8.52 35.12
C ASP B 174 -1.02 7.68 35.88
N SER B 175 -1.34 6.42 36.13
CA SER B 175 -0.42 5.54 36.87
C SER B 175 0.35 4.57 35.97
N GLU B 176 0.23 4.74 34.66
CA GLU B 176 0.95 3.84 33.75
C GLU B 176 2.44 3.94 33.99
N VAL B 177 3.16 2.85 33.72
CA VAL B 177 4.59 2.82 33.95
C VAL B 177 5.43 2.87 32.68
N LEU B 178 6.27 3.90 32.56
CA LEU B 178 7.16 4.02 31.42
C LEU B 178 8.40 3.21 31.78
N VAL B 179 8.67 2.17 31.00
CA VAL B 179 9.81 1.30 31.28
C VAL B 179 11.10 1.77 30.60
N TRP B 180 11.81 2.65 31.29
CA TRP B 180 13.08 3.18 30.80
C TRP B 180 14.23 2.18 30.91
N SER B 181 14.31 1.50 32.05
CA SER B 181 15.39 0.55 32.33
C SER B 181 15.75 -0.47 31.27
N SER B 182 14.76 -1.19 30.75
CA SER B 182 15.01 -2.23 29.76
C SER B 182 14.65 -1.88 28.34
N ALA B 183 14.43 -0.59 28.07
CA ALA B 183 14.13 -0.15 26.71
C ALA B 183 15.39 -0.36 25.89
N GLN B 184 15.23 -0.59 24.59
CA GLN B 184 16.38 -0.82 23.73
C GLN B 184 16.23 -0.18 22.37
N VAL B 185 17.35 0.06 21.71
CA VAL B 185 17.38 0.62 20.36
C VAL B 185 18.37 -0.25 19.60
N GLY B 186 17.88 -0.99 18.61
CA GLY B 186 18.75 -1.86 17.87
C GLY B 186 19.34 -2.93 18.77
N GLY B 187 18.60 -3.30 19.81
CA GLY B 187 19.07 -4.33 20.73
C GLY B 187 19.93 -3.87 21.88
N VAL B 188 20.47 -2.65 21.79
CA VAL B 188 21.31 -2.13 22.87
C VAL B 188 20.48 -1.31 23.85
N PRO B 189 20.91 -1.23 25.12
CA PRO B 189 20.18 -0.46 26.13
C PRO B 189 19.94 0.98 25.66
N LEU B 190 18.73 1.47 25.90
CA LEU B 190 18.34 2.82 25.50
C LEU B 190 19.27 3.94 25.95
N LEU B 191 19.34 4.15 27.26
CA LEU B 191 20.17 5.21 27.81
C LEU B 191 21.61 5.12 27.33
N GLU B 192 22.12 3.90 27.25
CA GLU B 192 23.48 3.68 26.77
C GLU B 192 23.59 4.23 25.34
N PHE B 193 22.69 3.76 24.48
CA PHE B 193 22.64 4.18 23.07
C PHE B 193 22.53 5.69 22.92
N ALA B 194 21.66 6.31 23.72
CA ALA B 194 21.45 7.75 23.65
C ALA B 194 22.76 8.50 23.86
N GLU B 195 23.39 8.25 25.00
CA GLU B 195 24.65 8.91 25.33
C GLU B 195 25.68 8.68 24.24
N ALA B 196 25.85 7.42 23.84
CA ALA B 196 26.82 7.06 22.81
C ALA B 196 26.62 7.84 21.52
N ARG B 197 25.37 8.19 21.23
CA ARG B 197 25.05 8.92 20.00
C ARG B 197 25.08 10.43 20.18
N GLY B 198 25.53 10.89 21.35
CA GLY B 198 25.59 12.31 21.62
C GLY B 198 24.23 12.91 21.84
N ARG B 199 23.28 12.08 22.27
CA ARG B 199 21.90 12.51 22.51
C ARG B 199 21.41 11.98 23.85
N ALA B 200 22.27 12.06 24.86
CA ALA B 200 21.95 11.57 26.19
C ALA B 200 20.57 12.02 26.67
N LEU B 201 19.87 11.10 27.33
CA LEU B 201 18.54 11.39 27.88
C LEU B 201 18.73 11.86 29.33
N SER B 202 18.75 13.17 29.53
CA SER B 202 18.92 13.73 30.86
C SER B 202 17.62 13.67 31.64
N PRO B 203 17.67 13.92 32.96
CA PRO B 203 16.45 13.88 33.76
C PRO B 203 15.40 14.82 33.19
N GLU B 204 15.84 15.99 32.72
CA GLU B 204 14.91 16.94 32.14
C GLU B 204 14.29 16.39 30.86
N ASP B 205 15.11 15.72 30.04
CA ASP B 205 14.58 15.15 28.79
C ASP B 205 13.54 14.08 29.11
N ARG B 206 13.84 13.26 30.13
CA ARG B 206 12.93 12.19 30.49
C ARG B 206 11.60 12.72 31.02
N ALA B 207 11.66 13.80 31.78
CA ALA B 207 10.45 14.42 32.33
C ALA B 207 9.58 14.97 31.19
N ARG B 208 10.22 15.61 30.22
CA ARG B 208 9.51 16.17 29.08
C ARG B 208 8.82 15.06 28.32
N ILE B 209 9.54 13.97 28.06
CA ILE B 209 8.96 12.83 27.35
C ILE B 209 7.83 12.21 28.17
N ASP B 210 8.02 12.10 29.47
CA ASP B 210 7.00 11.52 30.33
C ASP B 210 5.69 12.32 30.21
N GLU B 211 5.78 13.64 30.28
CA GLU B 211 4.57 14.45 30.16
C GLU B 211 3.98 14.35 28.76
N GLY B 212 4.85 14.22 27.76
CA GLY B 212 4.38 14.08 26.40
C GLY B 212 3.51 12.84 26.24
N VAL B 213 3.88 11.77 26.94
CA VAL B 213 3.12 10.52 26.86
C VAL B 213 1.91 10.52 27.80
N ARG B 214 2.19 10.71 29.08
CA ARG B 214 1.17 10.68 30.14
C ARG B 214 0.00 11.67 30.07
N ARG B 215 0.27 12.90 29.65
CA ARG B 215 -0.81 13.89 29.61
C ARG B 215 -1.44 14.14 28.24
N ALA B 216 -1.22 13.24 27.29
CA ALA B 216 -1.78 13.39 25.96
C ALA B 216 -3.31 13.45 26.00
N ALA B 217 -3.93 12.48 26.67
CA ALA B 217 -5.39 12.43 26.77
C ALA B 217 -5.93 13.74 27.36
N TYR B 218 -5.30 14.21 28.43
CA TYR B 218 -5.70 15.45 29.10
C TYR B 218 -5.74 16.61 28.11
N ARG B 219 -4.64 16.83 27.41
CA ARG B 219 -4.52 17.91 26.43
C ARG B 219 -5.55 17.79 25.31
N ILE B 220 -5.72 16.57 24.79
CA ILE B 220 -6.67 16.36 23.70
C ILE B 220 -8.11 16.62 24.14
N ILE B 221 -8.47 16.09 25.31
CA ILE B 221 -9.82 16.27 25.83
C ILE B 221 -10.12 17.75 26.07
N GLU B 222 -9.14 18.46 26.61
CA GLU B 222 -9.28 19.88 26.91
C GLU B 222 -9.50 20.71 25.65
N GLY B 223 -8.90 20.29 24.54
CA GLY B 223 -9.04 21.04 23.30
C GLY B 223 -10.17 20.65 22.36
N LYS B 224 -10.57 19.39 22.36
CA LYS B 224 -11.65 18.95 21.47
C LYS B 224 -12.79 18.21 22.18
N GLY B 225 -12.65 18.01 23.48
CA GLY B 225 -13.71 17.34 24.23
C GLY B 225 -13.61 15.85 24.39
N ALA B 226 -12.95 15.18 23.45
CA ALA B 226 -12.81 13.73 23.53
C ALA B 226 -11.67 13.26 22.63
N THR B 227 -11.24 12.03 22.83
CA THR B 227 -10.17 11.46 22.01
C THR B 227 -10.75 10.28 21.23
N TYR B 228 -10.35 10.14 19.98
CA TYR B 228 -10.86 9.03 19.18
C TYR B 228 -10.06 8.66 17.94
N TYR B 229 -9.40 9.64 17.31
CA TYR B 229 -8.62 9.33 16.11
C TYR B 229 -7.48 8.36 16.40
N GLY B 230 -6.76 8.58 17.49
CA GLY B 230 -5.65 7.71 17.83
C GLY B 230 -6.07 6.28 18.12
N ILE B 231 -7.03 6.11 19.03
CA ILE B 231 -7.48 4.76 19.38
C ILE B 231 -8.13 4.04 18.22
N GLY B 232 -8.76 4.79 17.32
CA GLY B 232 -9.39 4.17 16.17
C GLY B 232 -8.36 3.43 15.34
N ALA B 233 -7.21 4.05 15.13
CA ALA B 233 -6.13 3.44 14.35
C ALA B 233 -5.43 2.34 15.13
N GLY B 234 -5.26 2.56 16.43
CA GLY B 234 -4.64 1.55 17.27
C GLY B 234 -5.49 0.30 17.25
N LEU B 235 -6.79 0.47 17.46
CA LEU B 235 -7.71 -0.66 17.45
C LEU B 235 -7.68 -1.36 16.10
N ALA B 236 -7.64 -0.59 15.02
CA ALA B 236 -7.60 -1.17 13.69
C ALA B 236 -6.35 -2.03 13.54
N ARG B 237 -5.25 -1.62 14.17
CA ARG B 237 -4.02 -2.39 14.06
C ARG B 237 -4.14 -3.71 14.83
N LEU B 238 -4.76 -3.66 16.01
CA LEU B 238 -4.94 -4.87 16.82
C LEU B 238 -5.88 -5.83 16.08
N VAL B 239 -6.90 -5.27 15.43
CA VAL B 239 -7.84 -6.09 14.67
C VAL B 239 -7.07 -6.78 13.56
N ARG B 240 -6.22 -6.02 12.87
CA ARG B 240 -5.41 -6.59 11.79
C ARG B 240 -4.55 -7.75 12.29
N ALA B 241 -3.97 -7.60 13.48
CA ALA B 241 -3.12 -8.64 14.04
C ALA B 241 -3.93 -9.91 14.28
N ILE B 242 -5.15 -9.73 14.77
CA ILE B 242 -6.02 -10.86 15.05
C ILE B 242 -6.45 -11.54 13.75
N LEU B 243 -6.90 -10.75 12.78
CA LEU B 243 -7.36 -11.31 11.50
C LEU B 243 -6.28 -12.03 10.70
N THR B 244 -5.04 -11.58 10.84
CA THR B 244 -3.93 -12.20 10.10
C THR B 244 -3.12 -13.18 10.93
N ASP B 245 -3.58 -13.46 12.16
CA ASP B 245 -2.89 -14.37 13.07
C ASP B 245 -1.41 -13.99 13.08
N GLU B 246 -1.18 -12.69 13.28
CA GLU B 246 0.15 -12.11 13.27
C GLU B 246 1.15 -12.62 14.30
N LYS B 247 0.66 -12.84 15.51
CA LYS B 247 1.48 -13.29 16.63
C LYS B 247 2.55 -12.23 16.92
N GLY B 248 2.13 -10.97 16.86
CA GLY B 248 3.02 -9.85 17.14
C GLY B 248 2.88 -9.46 18.59
N VAL B 249 3.87 -8.74 19.13
CA VAL B 249 3.83 -8.30 20.51
C VAL B 249 3.26 -6.90 20.67
N TYR B 250 2.24 -6.78 21.53
CA TYR B 250 1.59 -5.50 21.81
C TYR B 250 1.32 -5.34 23.31
N THR B 251 1.40 -4.10 23.80
CA THR B 251 1.12 -3.86 25.22
C THR B 251 -0.39 -3.66 25.37
N VAL B 252 -1.10 -4.76 25.53
CA VAL B 252 -2.55 -4.73 25.66
C VAL B 252 -2.99 -5.31 26.99
N SER B 253 -4.21 -4.98 27.40
CA SER B 253 -4.72 -5.46 28.68
C SER B 253 -5.43 -6.80 28.58
N ALA B 254 -5.21 -7.67 29.56
CA ALA B 254 -5.84 -8.98 29.58
C ALA B 254 -5.83 -9.52 31.00
N PHE B 255 -6.75 -10.43 31.29
CA PHE B 255 -6.83 -11.04 32.62
C PHE B 255 -5.52 -11.75 32.87
N THR B 256 -4.85 -11.39 33.97
CA THR B 256 -3.57 -11.98 34.32
C THR B 256 -3.65 -12.64 35.69
N PRO B 257 -3.32 -13.94 35.76
CA PRO B 257 -3.35 -14.71 37.01
C PRO B 257 -2.57 -14.06 38.15
N GLU B 258 -1.32 -13.69 37.88
CA GLU B 258 -0.49 -13.08 38.89
C GLU B 258 0.47 -12.03 38.31
N VAL B 259 0.48 -10.85 38.92
CA VAL B 259 1.35 -9.75 38.50
C VAL B 259 2.02 -9.15 39.73
N GLU B 260 3.31 -9.43 39.90
CA GLU B 260 4.05 -8.91 41.05
C GLU B 260 3.32 -9.19 42.36
N GLY B 261 2.79 -10.40 42.50
CA GLY B 261 2.07 -10.75 43.71
C GLY B 261 0.58 -10.51 43.67
N VAL B 262 0.15 -9.54 42.88
CA VAL B 262 -1.29 -9.24 42.76
C VAL B 262 -1.95 -10.34 41.95
N LEU B 263 -3.08 -10.84 42.44
CA LEU B 263 -3.79 -11.93 41.78
C LEU B 263 -5.03 -11.52 40.99
N GLU B 264 -5.27 -12.25 39.89
CA GLU B 264 -6.42 -12.05 39.01
C GLU B 264 -6.79 -10.59 38.75
N VAL B 265 -5.98 -9.93 37.92
CA VAL B 265 -6.21 -8.53 37.58
C VAL B 265 -5.94 -8.33 36.09
N SER B 266 -6.59 -7.34 35.49
CA SER B 266 -6.39 -7.06 34.08
C SER B 266 -5.61 -5.75 33.91
N LEU B 267 -4.50 -5.83 33.19
CA LEU B 267 -3.65 -4.66 32.94
C LEU B 267 -2.76 -4.94 31.75
N SER B 268 -2.10 -3.90 31.24
CA SER B 268 -1.23 -4.06 30.08
C SER B 268 0.17 -4.59 30.36
N LEU B 269 0.56 -5.56 29.53
CA LEU B 269 1.87 -6.21 29.57
C LEU B 269 2.15 -6.58 28.12
N PRO B 270 3.42 -6.83 27.76
CA PRO B 270 3.69 -7.20 26.36
C PRO B 270 3.13 -8.60 26.11
N ARG B 271 2.20 -8.72 25.16
CA ARG B 271 1.60 -10.01 24.86
C ARG B 271 1.60 -10.36 23.38
N ILE B 272 1.65 -11.66 23.09
CA ILE B 272 1.63 -12.15 21.72
C ILE B 272 0.15 -12.20 21.30
N LEU B 273 -0.17 -11.46 20.25
CA LEU B 273 -1.55 -11.37 19.75
C LEU B 273 -1.76 -12.09 18.42
N GLY B 274 -2.75 -12.98 18.40
CA GLY B 274 -3.05 -13.74 17.20
C GLY B 274 -4.54 -13.98 16.99
N ALA B 275 -4.86 -14.95 16.15
CA ALA B 275 -6.24 -15.29 15.82
C ALA B 275 -7.13 -15.63 17.03
N GLY B 276 -6.53 -16.19 18.07
CA GLY B 276 -7.31 -16.54 19.24
C GLY B 276 -7.20 -15.54 20.38
N GLY B 277 -6.63 -14.37 20.09
CA GLY B 277 -6.45 -13.36 21.12
C GLY B 277 -5.02 -13.42 21.61
N VAL B 278 -4.78 -13.07 22.87
CA VAL B 278 -3.42 -13.12 23.39
C VAL B 278 -3.04 -14.57 23.71
N GLU B 279 -1.83 -14.96 23.36
CA GLU B 279 -1.37 -16.33 23.57
C GLU B 279 0.02 -16.44 24.19
N GLY B 280 0.41 -15.45 24.97
CA GLY B 280 1.72 -15.48 25.60
C GLY B 280 2.12 -14.12 26.12
N THR B 281 2.87 -14.11 27.21
CA THR B 281 3.33 -12.86 27.80
C THR B 281 4.86 -12.81 27.78
N VAL B 282 5.39 -11.67 27.37
CA VAL B 282 6.83 -11.47 27.32
C VAL B 282 7.18 -10.44 28.37
N TYR B 283 7.39 -10.92 29.60
CA TYR B 283 7.70 -10.05 30.73
C TYR B 283 9.14 -9.53 30.67
N PRO B 284 9.31 -8.21 30.56
CA PRO B 284 10.67 -7.68 30.50
C PRO B 284 11.28 -7.44 31.86
N SER B 285 12.56 -7.11 31.86
CA SER B 285 13.28 -6.80 33.08
C SER B 285 12.75 -5.45 33.58
N LEU B 286 12.66 -5.27 34.89
CA LEU B 286 12.17 -4.03 35.46
C LEU B 286 13.06 -3.56 36.59
N SER B 287 13.20 -2.24 36.73
CA SER B 287 14.01 -1.67 37.79
C SER B 287 13.16 -1.77 39.07
N PRO B 288 13.78 -1.54 40.23
CA PRO B 288 13.01 -1.64 41.47
C PRO B 288 11.84 -0.65 41.49
N GLU B 289 12.09 0.57 41.04
CA GLU B 289 11.07 1.60 40.99
C GLU B 289 9.90 1.23 40.07
N GLU B 290 10.22 0.73 38.88
CA GLU B 290 9.21 0.34 37.90
C GLU B 290 8.38 -0.83 38.41
N ARG B 291 9.08 -1.82 38.99
CA ARG B 291 8.40 -3.00 39.51
C ARG B 291 7.43 -2.61 40.62
N GLU B 292 7.89 -1.74 41.52
CA GLU B 292 7.06 -1.30 42.64
C GLU B 292 5.87 -0.48 42.12
N ALA B 293 6.12 0.35 41.12
CA ALA B 293 5.06 1.18 40.54
C ALA B 293 4.00 0.28 39.90
N LEU B 294 4.45 -0.75 39.19
CA LEU B 294 3.53 -1.68 38.55
C LEU B 294 2.71 -2.43 39.61
N ARG B 295 3.39 -2.94 40.63
CA ARG B 295 2.73 -3.70 41.69
C ARG B 295 1.62 -2.89 42.36
N ARG B 296 1.94 -1.68 42.80
CA ARG B 296 0.95 -0.82 43.46
C ARG B 296 -0.24 -0.53 42.56
N SER B 297 0.04 -0.24 41.29
CA SER B 297 -1.00 0.06 40.33
C SER B 297 -1.91 -1.16 40.13
N ALA B 298 -1.30 -2.34 40.06
CA ALA B 298 -2.03 -3.58 39.86
C ALA B 298 -2.91 -3.85 41.08
N GLU B 299 -2.35 -3.58 42.25
CA GLU B 299 -3.04 -3.78 43.51
C GLU B 299 -4.32 -2.95 43.50
N ILE B 300 -4.20 -1.69 43.12
CA ILE B 300 -5.35 -0.79 43.06
C ILE B 300 -6.39 -1.27 42.04
N LEU B 301 -5.91 -1.72 40.89
CA LEU B 301 -6.79 -2.22 39.84
C LEU B 301 -7.59 -3.42 40.33
N LYS B 302 -6.92 -4.31 41.05
CA LYS B 302 -7.57 -5.50 41.58
C LYS B 302 -8.75 -5.11 42.48
N GLU B 303 -8.52 -4.16 43.37
CA GLU B 303 -9.56 -3.69 44.27
C GLU B 303 -10.68 -2.97 43.53
N ALA B 304 -10.31 -2.13 42.55
CA ALA B 304 -11.29 -1.39 41.78
C ALA B 304 -12.26 -2.36 41.11
N ALA B 305 -11.72 -3.46 40.59
CA ALA B 305 -12.52 -4.47 39.92
C ALA B 305 -13.37 -5.23 40.93
N PHE B 306 -12.75 -5.69 42.01
CA PHE B 306 -13.46 -6.44 43.04
C PHE B 306 -14.62 -5.63 43.61
N ALA B 307 -14.37 -4.35 43.87
CA ALA B 307 -15.38 -3.46 44.42
C ALA B 307 -16.57 -3.31 43.47
N LEU B 308 -16.30 -3.39 42.17
CA LEU B 308 -17.35 -3.27 41.17
C LEU B 308 -18.11 -4.59 41.04
N GLY B 309 -17.54 -5.65 41.59
CA GLY B 309 -18.18 -6.95 41.54
C GLY B 309 -17.47 -7.95 40.66
N PHE B 310 -16.31 -7.58 40.13
CA PHE B 310 -15.55 -8.49 39.27
C PHE B 310 -14.12 -8.62 39.76
N MET C 1 6.48 16.79 0.99
CA MET C 1 5.52 17.87 0.60
C MET C 1 4.58 18.20 1.75
N LYS C 2 4.03 19.41 1.73
CA LYS C 2 3.13 19.87 2.79
C LYS C 2 1.71 20.17 2.31
N VAL C 3 0.74 19.81 3.14
CA VAL C 3 -0.66 20.05 2.86
C VAL C 3 -1.23 20.83 4.04
N GLY C 4 -1.84 21.97 3.76
CA GLY C 4 -2.44 22.75 4.83
C GLY C 4 -3.94 22.54 4.86
N ILE C 5 -4.54 22.71 6.03
CA ILE C 5 -5.99 22.55 6.19
C ILE C 5 -6.44 23.67 7.13
N VAL C 6 -7.25 24.60 6.61
CA VAL C 6 -7.74 25.69 7.46
C VAL C 6 -9.17 25.34 7.89
N GLY C 7 -9.36 25.24 9.20
CA GLY C 7 -10.65 24.87 9.76
C GLY C 7 -10.47 23.48 10.33
N SER C 8 -10.34 23.37 11.65
CA SER C 8 -10.12 22.07 12.27
C SER C 8 -11.35 21.48 12.95
N GLY C 9 -12.48 21.54 12.26
CA GLY C 9 -13.72 20.97 12.77
C GLY C 9 -13.72 19.51 12.35
N MET C 10 -14.91 18.92 12.21
CA MET C 10 -14.97 17.52 11.82
C MET C 10 -14.50 17.28 10.40
N VAL C 11 -14.86 18.16 9.47
CA VAL C 11 -14.42 17.98 8.08
C VAL C 11 -12.91 18.15 7.97
N GLY C 12 -12.39 19.25 8.51
CA GLY C 12 -10.96 19.49 8.46
C GLY C 12 -10.15 18.40 9.14
N SER C 13 -10.54 18.00 10.34
CA SER C 13 -9.80 16.96 11.06
C SER C 13 -9.94 15.58 10.41
N ALA C 14 -11.11 15.28 9.85
CA ALA C 14 -11.30 13.98 9.20
C ALA C 14 -10.40 13.91 7.96
N THR C 15 -10.25 15.05 7.31
CA THR C 15 -9.41 15.12 6.13
C THR C 15 -7.95 14.87 6.54
N ALA C 16 -7.55 15.45 7.68
CA ALA C 16 -6.19 15.26 8.18
C ALA C 16 -5.97 13.79 8.54
N TYR C 17 -6.98 13.17 9.12
CA TYR C 17 -6.92 11.76 9.51
C TYR C 17 -6.77 10.87 8.27
N ALA C 18 -7.57 11.15 7.25
CA ALA C 18 -7.50 10.38 6.01
C ALA C 18 -6.13 10.56 5.34
N LEU C 19 -5.65 11.80 5.28
CA LEU C 19 -4.35 12.06 4.66
C LEU C 19 -3.25 11.27 5.37
N ALA C 20 -3.31 11.25 6.70
CA ALA C 20 -2.31 10.54 7.50
C ALA C 20 -2.39 9.02 7.32
N LEU C 21 -3.59 8.46 7.46
CA LEU C 21 -3.77 7.02 7.32
C LEU C 21 -3.44 6.50 5.93
N LEU C 22 -3.63 7.34 4.91
CA LEU C 22 -3.34 6.95 3.54
C LEU C 22 -1.92 7.32 3.12
N GLY C 23 -1.22 8.04 4.01
CA GLY C 23 0.15 8.45 3.73
C GLY C 23 0.32 9.32 2.50
N VAL C 24 -0.62 10.25 2.31
CA VAL C 24 -0.60 11.14 1.16
C VAL C 24 0.56 12.14 1.11
N ALA C 25 0.88 12.73 2.25
CA ALA C 25 1.95 13.72 2.32
C ALA C 25 2.77 13.57 3.61
N ARG C 26 4.00 14.06 3.58
CA ARG C 26 4.89 13.99 4.74
C ARG C 26 4.49 14.93 5.87
N GLU C 27 3.91 16.07 5.51
CA GLU C 27 3.50 17.06 6.50
C GLU C 27 2.07 17.56 6.30
N VAL C 28 1.30 17.60 7.38
CA VAL C 28 -0.07 18.09 7.34
C VAL C 28 -0.20 19.14 8.45
N VAL C 29 -0.62 20.33 8.08
CA VAL C 29 -0.76 21.42 9.05
C VAL C 29 -2.20 21.90 9.21
N LEU C 30 -2.71 21.82 10.44
CA LEU C 30 -4.08 22.23 10.76
C LEU C 30 -4.06 23.65 11.34
N VAL C 31 -4.88 24.53 10.77
CA VAL C 31 -4.95 25.91 11.23
C VAL C 31 -6.39 26.25 11.63
N ASP C 32 -6.57 26.86 12.81
CA ASP C 32 -7.91 27.23 13.26
C ASP C 32 -7.85 28.36 14.29
N LEU C 33 -8.81 29.28 14.21
CA LEU C 33 -8.87 30.40 15.14
C LEU C 33 -8.83 29.85 16.56
N ASP C 34 -9.50 28.71 16.73
CA ASP C 34 -9.53 28.02 18.02
C ASP C 34 -8.24 27.20 18.06
N ARG C 35 -7.16 27.81 18.53
CA ARG C 35 -5.86 27.14 18.59
C ARG C 35 -5.85 25.80 19.31
N LYS C 36 -6.52 25.72 20.46
CA LYS C 36 -6.56 24.46 21.23
C LYS C 36 -7.26 23.35 20.48
N LEU C 37 -8.27 23.70 19.70
CA LEU C 37 -9.03 22.73 18.92
C LEU C 37 -8.10 22.06 17.90
N ALA C 38 -7.37 22.88 17.16
CA ALA C 38 -6.43 22.38 16.16
C ALA C 38 -5.33 21.56 16.81
N GLN C 39 -4.80 22.05 17.93
CA GLN C 39 -3.74 21.32 18.61
C GLN C 39 -4.26 19.96 19.08
N ALA C 40 -5.49 19.94 19.57
CA ALA C 40 -6.09 18.71 20.05
C ALA C 40 -6.28 17.67 18.95
N HIS C 41 -6.82 18.10 17.82
CA HIS C 41 -7.02 17.19 16.70
C HIS C 41 -5.66 16.71 16.17
N ALA C 42 -4.71 17.64 16.06
CA ALA C 42 -3.39 17.27 15.58
C ALA C 42 -2.73 16.21 16.48
N GLU C 43 -2.78 16.40 17.80
CA GLU C 43 -2.16 15.43 18.69
C GLU C 43 -2.90 14.08 18.70
N ASP C 44 -4.22 14.12 18.58
CA ASP C 44 -5.03 12.90 18.57
C ASP C 44 -4.62 12.09 17.32
N ILE C 45 -4.58 12.77 16.18
CA ILE C 45 -4.20 12.12 14.92
C ILE C 45 -2.74 11.64 14.97
N LEU C 46 -1.87 12.42 15.60
CA LEU C 46 -0.46 12.05 15.70
C LEU C 46 -0.31 10.71 16.42
N HIS C 47 -1.25 10.41 17.33
CA HIS C 47 -1.21 9.15 18.06
C HIS C 47 -1.62 7.97 17.19
N ALA C 48 -2.17 8.27 16.02
CA ALA C 48 -2.59 7.22 15.09
C ALA C 48 -1.48 6.87 14.09
N THR C 49 -0.62 7.84 13.77
CA THR C 49 0.44 7.62 12.79
C THR C 49 1.36 6.40 12.99
N PRO C 50 1.69 6.05 14.24
CA PRO C 50 2.58 4.89 14.42
C PRO C 50 1.95 3.61 13.87
N PHE C 51 0.63 3.62 13.72
CA PHE C 51 -0.12 2.47 13.25
C PHE C 51 -0.48 2.54 11.76
N ALA C 52 0.11 3.49 11.05
CA ALA C 52 -0.17 3.64 9.63
C ALA C 52 1.07 4.07 8.86
N HIS C 53 1.27 5.37 8.71
CA HIS C 53 2.42 5.89 7.98
C HIS C 53 3.09 7.07 8.70
N PRO C 54 4.40 7.22 8.50
CA PRO C 54 5.12 8.33 9.15
C PRO C 54 4.70 9.65 8.52
N VAL C 55 3.77 10.33 9.18
CA VAL C 55 3.28 11.63 8.71
C VAL C 55 3.31 12.60 9.88
N TRP C 56 3.89 13.77 9.64
CA TRP C 56 3.97 14.78 10.69
C TRP C 56 2.74 15.66 10.68
N VAL C 57 1.80 15.37 11.58
CA VAL C 57 0.58 16.15 11.68
C VAL C 57 0.74 17.14 12.82
N ARG C 58 0.50 18.41 12.56
CA ARG C 58 0.63 19.42 13.59
C ARG C 58 -0.35 20.57 13.42
N ALA C 59 -0.46 21.39 14.44
CA ALA C 59 -1.34 22.55 14.41
C ALA C 59 -0.39 23.73 14.20
N GLY C 60 -0.88 24.79 13.56
CA GLY C 60 -0.02 25.93 13.32
C GLY C 60 -0.77 27.18 12.90
N SER C 61 -0.01 28.22 12.56
CA SER C 61 -0.59 29.48 12.11
C SER C 61 -0.54 29.52 10.60
N TYR C 62 -1.04 30.60 10.00
CA TYR C 62 -1.00 30.71 8.55
C TYR C 62 0.43 30.65 8.06
N GLY C 63 1.34 31.24 8.83
CA GLY C 63 2.75 31.23 8.46
C GLY C 63 3.30 29.83 8.30
N ASP C 64 2.78 28.91 9.11
CA ASP C 64 3.22 27.51 9.08
C ASP C 64 2.76 26.78 7.82
N LEU C 65 1.95 27.46 7.00
CA LEU C 65 1.47 26.88 5.75
C LEU C 65 2.49 27.12 4.64
N GLU C 66 3.63 27.71 4.99
CA GLU C 66 4.67 28.02 4.01
C GLU C 66 5.00 26.82 3.11
N GLY C 67 4.99 27.07 1.80
CA GLY C 67 5.32 26.03 0.83
C GLY C 67 4.29 24.96 0.58
N ALA C 68 3.12 25.07 1.18
CA ALA C 68 2.07 24.07 0.96
C ALA C 68 1.67 24.06 -0.50
N ARG C 69 1.64 22.87 -1.12
CA ARG C 69 1.26 22.75 -2.52
C ARG C 69 -0.26 22.77 -2.65
N ALA C 70 -0.94 22.46 -1.56
CA ALA C 70 -2.40 22.46 -1.53
C ALA C 70 -2.87 22.83 -0.14
N VAL C 71 -3.88 23.69 -0.07
CA VAL C 71 -4.45 24.10 1.20
C VAL C 71 -5.95 23.86 1.15
N VAL C 72 -6.43 22.99 2.02
CA VAL C 72 -7.85 22.68 2.07
C VAL C 72 -8.57 23.71 2.91
N LEU C 73 -9.65 24.28 2.36
CA LEU C 73 -10.43 25.26 3.11
C LEU C 73 -11.71 24.61 3.62
N ALA C 74 -11.68 24.20 4.88
CA ALA C 74 -12.82 23.57 5.54
C ALA C 74 -13.15 24.52 6.68
N ALA C 75 -13.05 25.81 6.39
CA ALA C 75 -13.30 26.86 7.38
C ALA C 75 -14.76 27.28 7.46
N GLY C 76 -15.08 27.94 8.56
CA GLY C 76 -16.44 28.40 8.76
C GLY C 76 -16.74 28.45 10.24
N VAL C 77 -18.03 28.46 10.56
CA VAL C 77 -18.46 28.52 11.94
C VAL C 77 -19.57 27.50 12.19
N ALA C 78 -19.68 27.05 13.43
CA ALA C 78 -20.72 26.11 13.79
C ALA C 78 -22.04 26.87 13.83
N GLN C 79 -22.97 26.49 12.95
CA GLN C 79 -24.26 27.16 12.90
C GLN C 79 -24.86 27.26 14.30
N ARG C 80 -24.96 28.48 14.81
CA ARG C 80 -25.51 28.72 16.14
C ARG C 80 -26.94 28.20 16.22
N PRO C 81 -27.30 27.57 17.34
CA PRO C 81 -28.65 27.02 17.56
C PRO C 81 -29.74 28.07 17.36
N GLY C 82 -30.19 28.22 16.12
CA GLY C 82 -31.23 29.19 15.83
C GLY C 82 -31.01 29.97 14.55
N GLU C 83 -29.80 29.91 14.00
CA GLU C 83 -29.48 30.62 12.77
C GLU C 83 -30.33 30.16 11.60
N THR C 84 -29.93 30.58 10.40
CA THR C 84 -30.62 30.22 9.17
C THR C 84 -29.58 30.03 8.08
N ARG C 85 -30.01 29.55 6.91
CA ARG C 85 -29.10 29.33 5.79
C ARG C 85 -28.30 30.56 5.38
N LEU C 86 -28.97 31.51 4.74
CA LEU C 86 -28.34 32.73 4.26
C LEU C 86 -27.45 33.40 5.31
N GLN C 87 -27.85 33.31 6.58
CA GLN C 87 -27.08 33.90 7.66
C GLN C 87 -25.73 33.20 7.78
N LEU C 88 -25.78 31.89 7.99
CA LEU C 88 -24.58 31.09 8.12
C LEU C 88 -23.71 31.29 6.89
N LEU C 89 -24.36 31.32 5.72
CA LEU C 89 -23.66 31.52 4.46
C LEU C 89 -22.87 32.82 4.48
N ASP C 90 -23.52 33.90 4.89
CA ASP C 90 -22.85 35.19 4.94
C ASP C 90 -21.73 35.21 5.98
N ARG C 91 -21.92 34.48 7.09
CA ARG C 91 -20.88 34.42 8.11
C ARG C 91 -19.66 33.67 7.56
N ASN C 92 -19.89 32.54 6.90
CA ASN C 92 -18.79 31.78 6.35
C ASN C 92 -18.13 32.56 5.23
N ALA C 93 -18.91 33.36 4.50
CA ALA C 93 -18.37 34.18 3.44
C ALA C 93 -17.37 35.15 4.06
N GLN C 94 -17.71 35.68 5.22
CA GLN C 94 -16.84 36.60 5.93
C GLN C 94 -15.58 35.88 6.41
N VAL C 95 -15.74 34.64 6.88
CA VAL C 95 -14.59 33.88 7.34
C VAL C 95 -13.62 33.71 6.18
N PHE C 96 -14.15 33.40 5.00
CA PHE C 96 -13.32 33.22 3.82
C PHE C 96 -12.61 34.52 3.44
N ALA C 97 -13.26 35.65 3.70
CA ALA C 97 -12.65 36.95 3.40
C ALA C 97 -11.42 37.14 4.25
N GLN C 98 -11.41 36.50 5.41
CA GLN C 98 -10.27 36.58 6.33
C GLN C 98 -9.24 35.51 5.99
N VAL C 99 -9.71 34.29 5.70
CA VAL C 99 -8.83 33.16 5.41
C VAL C 99 -8.04 33.21 4.10
N VAL C 100 -8.73 33.41 2.98
CA VAL C 100 -8.06 33.43 1.68
C VAL C 100 -6.79 34.28 1.59
N PRO C 101 -6.88 35.58 1.87
CA PRO C 101 -5.67 36.40 1.78
C PRO C 101 -4.53 35.94 2.68
N ARG C 102 -4.88 35.50 3.90
CA ARG C 102 -3.88 35.02 4.85
C ARG C 102 -3.14 33.80 4.29
N VAL C 103 -3.91 32.86 3.73
CA VAL C 103 -3.34 31.64 3.16
C VAL C 103 -2.37 31.92 2.02
N LEU C 104 -2.82 32.70 1.04
CA LEU C 104 -2.00 33.02 -0.11
C LEU C 104 -0.78 33.86 0.25
N GLU C 105 -0.83 34.55 1.37
CA GLU C 105 0.30 35.36 1.80
C GLU C 105 1.44 34.43 2.21
N ALA C 106 1.08 33.33 2.86
CA ALA C 106 2.07 32.35 3.32
C ALA C 106 2.41 31.32 2.26
N ALA C 107 1.41 30.92 1.46
CA ALA C 107 1.62 29.92 0.42
C ALA C 107 1.05 30.42 -0.91
N PRO C 108 1.76 31.35 -1.57
CA PRO C 108 1.32 31.92 -2.84
C PRO C 108 1.16 30.95 -4.01
N GLU C 109 1.84 29.80 -3.97
CA GLU C 109 1.74 28.83 -5.05
C GLU C 109 0.77 27.68 -4.78
N ALA C 110 0.07 27.74 -3.65
CA ALA C 110 -0.86 26.67 -3.30
C ALA C 110 -2.15 26.66 -4.10
N VAL C 111 -2.68 25.45 -4.30
CA VAL C 111 -3.95 25.29 -4.98
C VAL C 111 -4.93 25.33 -3.82
N LEU C 112 -6.03 26.06 -3.97
CA LEU C 112 -7.00 26.12 -2.89
C LEU C 112 -8.10 25.10 -3.14
N LEU C 113 -8.21 24.14 -2.24
CA LEU C 113 -9.21 23.08 -2.34
C LEU C 113 -10.31 23.37 -1.33
N VAL C 114 -11.45 23.83 -1.83
CA VAL C 114 -12.60 24.20 -1.00
C VAL C 114 -13.53 23.05 -0.61
N ALA C 115 -13.83 22.96 0.67
CA ALA C 115 -14.69 21.89 1.17
C ALA C 115 -15.99 22.39 1.82
N THR C 116 -15.93 23.58 2.41
CA THR C 116 -17.08 24.16 3.11
C THR C 116 -18.39 24.21 2.31
N ASN C 117 -19.47 23.73 2.93
CA ASN C 117 -20.80 23.72 2.31
C ASN C 117 -21.48 25.09 2.44
N PRO C 118 -22.17 25.54 1.38
CA PRO C 118 -22.38 24.91 0.07
C PRO C 118 -21.08 25.05 -0.71
N VAL C 119 -20.47 23.91 -1.04
CA VAL C 119 -19.18 23.93 -1.72
C VAL C 119 -19.09 24.73 -3.02
N ASP C 120 -20.16 24.76 -3.81
CA ASP C 120 -20.10 25.52 -5.05
C ASP C 120 -20.02 27.03 -4.81
N VAL C 121 -20.89 27.55 -3.95
CA VAL C 121 -20.88 28.99 -3.67
C VAL C 121 -19.58 29.38 -2.97
N MET C 122 -19.10 28.54 -2.07
CA MET C 122 -17.87 28.86 -1.36
C MET C 122 -16.64 28.80 -2.27
N THR C 123 -16.72 27.99 -3.32
CA THR C 123 -15.61 27.90 -4.28
C THR C 123 -15.60 29.20 -5.09
N GLN C 124 -16.79 29.68 -5.43
CA GLN C 124 -16.90 30.93 -6.18
C GLN C 124 -16.34 32.08 -5.33
N VAL C 125 -16.70 32.09 -4.05
CA VAL C 125 -16.22 33.10 -3.11
C VAL C 125 -14.70 33.08 -3.06
N ALA C 126 -14.14 31.89 -2.87
CA ALA C 126 -12.69 31.73 -2.80
C ALA C 126 -12.00 32.18 -4.09
N TYR C 127 -12.63 31.88 -5.23
CA TYR C 127 -12.07 32.27 -6.51
C TYR C 127 -11.98 33.79 -6.62
N ARG C 128 -13.09 34.47 -6.37
CA ARG C 128 -13.14 35.93 -6.46
C ARG C 128 -12.13 36.60 -5.52
N LEU C 129 -12.05 36.11 -4.30
CA LEU C 129 -11.14 36.68 -3.30
C LEU C 129 -9.67 36.44 -3.61
N SER C 130 -9.36 35.28 -4.17
CA SER C 130 -7.98 34.90 -4.47
C SER C 130 -7.26 35.75 -5.52
N ALA C 131 -8.00 36.22 -6.52
CA ALA C 131 -7.40 37.00 -7.60
C ALA C 131 -6.42 36.12 -8.36
N LEU C 132 -6.64 34.80 -8.29
CA LEU C 132 -5.79 33.83 -8.97
C LEU C 132 -6.51 33.31 -10.20
N PRO C 133 -5.79 32.60 -11.09
CA PRO C 133 -6.44 32.06 -12.30
C PRO C 133 -7.56 31.13 -11.84
N PRO C 134 -8.61 30.97 -12.64
CA PRO C 134 -9.74 30.09 -12.29
C PRO C 134 -9.35 28.69 -11.86
N GLY C 135 -8.35 28.11 -12.53
CA GLY C 135 -7.91 26.76 -12.21
C GLY C 135 -7.29 26.52 -10.85
N ARG C 136 -6.80 27.57 -10.21
CA ARG C 136 -6.15 27.46 -8.91
C ARG C 136 -7.08 27.24 -7.72
N VAL C 137 -8.37 27.47 -7.92
CA VAL C 137 -9.35 27.29 -6.85
C VAL C 137 -10.32 26.18 -7.25
N VAL C 138 -10.26 25.08 -6.51
CA VAL C 138 -11.09 23.91 -6.79
C VAL C 138 -11.93 23.48 -5.59
N GLY C 139 -13.19 23.11 -5.86
CA GLY C 139 -14.07 22.66 -4.80
C GLY C 139 -14.30 21.16 -4.90
N SER C 140 -14.44 20.47 -3.77
CA SER C 140 -14.64 19.03 -3.81
C SER C 140 -15.86 18.65 -4.65
N GLY C 141 -16.84 19.56 -4.71
CA GLY C 141 -18.02 19.34 -5.52
C GLY C 141 -18.79 18.04 -5.31
N THR C 142 -19.11 17.38 -6.42
CA THR C 142 -19.88 16.14 -6.40
C THR C 142 -19.06 14.85 -6.43
N ILE C 143 -17.77 14.92 -6.05
CA ILE C 143 -16.96 13.71 -6.13
C ILE C 143 -17.48 12.50 -5.36
N LEU C 144 -18.09 12.71 -4.19
CA LEU C 144 -18.61 11.58 -3.42
C LEU C 144 -19.86 11.01 -4.09
N ASP C 145 -20.68 11.90 -4.64
CA ASP C 145 -21.90 11.48 -5.31
C ASP C 145 -21.59 10.70 -6.58
N THR C 146 -20.60 11.17 -7.35
CA THR C 146 -20.20 10.48 -8.57
C THR C 146 -19.71 9.07 -8.24
N ALA C 147 -18.87 8.94 -7.22
CA ALA C 147 -18.34 7.65 -6.81
C ALA C 147 -19.42 6.70 -6.31
N ARG C 148 -20.41 7.23 -5.61
CA ARG C 148 -21.50 6.44 -5.08
C ARG C 148 -22.38 5.95 -6.24
N PHE C 149 -22.58 6.83 -7.22
CA PHE C 149 -23.38 6.51 -8.40
C PHE C 149 -22.71 5.33 -9.08
N ARG C 150 -21.39 5.41 -9.25
CA ARG C 150 -20.65 4.33 -9.89
C ARG C 150 -20.70 3.04 -9.08
N ALA C 151 -20.58 3.15 -7.76
CA ALA C 151 -20.60 2.00 -6.87
C ALA C 151 -21.95 1.27 -6.97
N LEU C 152 -23.04 2.04 -6.94
CA LEU C 152 -24.37 1.44 -7.02
C LEU C 152 -24.61 0.80 -8.38
N LEU C 153 -24.13 1.44 -9.45
CA LEU C 153 -24.30 0.89 -10.78
C LEU C 153 -23.47 -0.39 -10.90
N ALA C 154 -22.26 -0.35 -10.35
CA ALA C 154 -21.37 -1.51 -10.40
C ALA C 154 -21.97 -2.72 -9.69
N GLU C 155 -22.62 -2.47 -8.57
CA GLU C 155 -23.24 -3.55 -7.79
C GLU C 155 -24.39 -4.18 -8.54
N HIS C 156 -25.22 -3.35 -9.15
CA HIS C 156 -26.37 -3.81 -9.91
C HIS C 156 -25.94 -4.62 -11.14
N LEU C 157 -24.87 -4.19 -11.78
CA LEU C 157 -24.37 -4.86 -12.99
C LEU C 157 -23.41 -6.01 -12.72
N ARG C 158 -22.89 -6.08 -11.51
CA ARG C 158 -21.93 -7.12 -11.14
C ARG C 158 -20.64 -6.96 -11.93
N VAL C 159 -20.11 -5.74 -11.92
CA VAL C 159 -18.85 -5.42 -12.59
C VAL C 159 -18.06 -4.52 -11.65
N ALA C 160 -16.75 -4.43 -11.88
CA ALA C 160 -15.87 -3.61 -11.05
C ALA C 160 -16.21 -2.12 -11.20
N PRO C 161 -16.21 -1.38 -10.08
CA PRO C 161 -16.51 0.06 -10.14
C PRO C 161 -15.55 0.77 -11.08
N GLN C 162 -14.33 0.25 -11.16
CA GLN C 162 -13.29 0.81 -12.00
C GLN C 162 -13.67 0.76 -13.49
N SER C 163 -14.62 -0.11 -13.83
CA SER C 163 -15.05 -0.24 -15.22
C SER C 163 -16.31 0.58 -15.53
N VAL C 164 -16.85 1.24 -14.52
CA VAL C 164 -18.06 2.04 -14.71
C VAL C 164 -17.71 3.53 -14.84
N HIS C 165 -18.13 4.11 -15.94
CA HIS C 165 -17.90 5.52 -16.23
C HIS C 165 -19.25 6.23 -16.08
N ALA C 166 -19.43 6.94 -14.98
CA ALA C 166 -20.68 7.65 -14.73
C ALA C 166 -20.39 8.92 -13.94
N TYR C 167 -21.17 9.97 -14.20
CA TYR C 167 -20.97 11.25 -13.54
C TYR C 167 -22.22 11.83 -12.88
N VAL C 168 -21.97 12.67 -11.88
CA VAL C 168 -23.02 13.42 -11.18
C VAL C 168 -22.46 14.83 -11.37
N LEU C 169 -23.21 15.72 -12.01
CA LEU C 169 -22.74 17.06 -12.29
C LEU C 169 -23.61 18.16 -11.71
N GLY C 170 -23.12 19.39 -11.81
CA GLY C 170 -23.86 20.54 -11.31
C GLY C 170 -23.66 20.86 -9.84
N GLU C 171 -24.75 21.23 -9.18
CA GLU C 171 -24.70 21.57 -7.78
C GLU C 171 -24.54 20.35 -6.87
N HIS C 172 -23.63 20.45 -5.92
CA HIS C 172 -23.45 19.36 -4.96
C HIS C 172 -24.60 19.60 -4.00
N GLY C 173 -25.78 19.11 -4.37
CA GLY C 173 -26.95 19.31 -3.54
C GLY C 173 -28.20 18.76 -4.22
N ASP C 174 -29.36 19.29 -3.83
CA ASP C 174 -30.63 18.83 -4.38
C ASP C 174 -30.80 18.85 -5.89
N SER C 175 -30.16 19.79 -6.57
CA SER C 175 -30.33 19.87 -8.03
C SER C 175 -29.26 19.15 -8.84
N GLU C 176 -28.42 18.35 -8.18
CA GLU C 176 -27.38 17.64 -8.92
C GLU C 176 -28.00 16.76 -10.01
N VAL C 177 -27.22 16.50 -11.04
CA VAL C 177 -27.71 15.72 -12.16
C VAL C 177 -26.98 14.40 -12.37
N LEU C 178 -27.70 13.29 -12.25
CA LEU C 178 -27.10 11.98 -12.47
C LEU C 178 -27.15 11.77 -13.99
N VAL C 179 -25.98 11.70 -14.62
CA VAL C 179 -25.92 11.52 -16.06
C VAL C 179 -26.01 10.04 -16.46
N TRP C 180 -27.22 9.60 -16.78
CA TRP C 180 -27.45 8.21 -17.17
C TRP C 180 -27.24 7.98 -18.67
N SER C 181 -27.62 8.95 -19.48
CA SER C 181 -27.52 8.83 -20.94
C SER C 181 -26.19 8.45 -21.54
N SER C 182 -25.11 9.10 -21.09
CA SER C 182 -23.79 8.83 -21.63
C SER C 182 -22.87 8.05 -20.69
N ALA C 183 -23.45 7.39 -19.70
CA ALA C 183 -22.66 6.58 -18.78
C ALA C 183 -22.21 5.37 -19.58
N GLN C 184 -21.06 4.82 -19.25
CA GLN C 184 -20.53 3.67 -19.99
C GLN C 184 -19.93 2.61 -19.06
N VAL C 185 -19.76 1.41 -19.61
CA VAL C 185 -19.14 0.30 -18.90
C VAL C 185 -18.19 -0.32 -19.91
N GLY C 186 -16.90 -0.30 -19.60
CA GLY C 186 -15.93 -0.84 -20.53
C GLY C 186 -15.95 -0.02 -21.81
N GLY C 187 -16.44 1.21 -21.70
CA GLY C 187 -16.49 2.09 -22.86
C GLY C 187 -17.77 2.08 -23.67
N VAL C 188 -18.67 1.13 -23.41
CA VAL C 188 -19.92 1.06 -24.16
C VAL C 188 -21.11 1.57 -23.33
N PRO C 189 -22.17 2.05 -24.00
CA PRO C 189 -23.38 2.57 -23.35
C PRO C 189 -23.89 1.71 -22.20
N LEU C 190 -23.89 2.31 -21.00
CA LEU C 190 -24.32 1.66 -19.78
C LEU C 190 -25.70 1.00 -19.83
N LEU C 191 -26.72 1.77 -20.21
CA LEU C 191 -28.08 1.26 -20.26
C LEU C 191 -28.23 0.01 -21.11
N GLU C 192 -27.73 0.06 -22.34
CA GLU C 192 -27.81 -1.09 -23.24
C GLU C 192 -26.97 -2.26 -22.72
N PHE C 193 -25.83 -1.96 -22.10
CA PHE C 193 -24.96 -3.00 -21.56
C PHE C 193 -25.65 -3.77 -20.44
N ALA C 194 -26.27 -3.04 -19.51
CA ALA C 194 -26.98 -3.65 -18.39
C ALA C 194 -28.02 -4.62 -18.91
N GLU C 195 -28.74 -4.17 -19.94
CA GLU C 195 -29.79 -4.95 -20.57
C GLU C 195 -29.21 -6.23 -21.17
N ALA C 196 -28.12 -6.10 -21.92
CA ALA C 196 -27.49 -7.24 -22.57
C ALA C 196 -26.90 -8.25 -21.58
N ARG C 197 -26.52 -7.78 -20.40
CA ARG C 197 -25.95 -8.65 -19.38
C ARG C 197 -27.02 -9.28 -18.51
N GLY C 198 -28.29 -9.01 -18.84
CA GLY C 198 -29.40 -9.56 -18.08
C GLY C 198 -29.62 -8.85 -16.75
N ARG C 199 -29.10 -7.63 -16.66
CA ARG C 199 -29.23 -6.83 -15.44
C ARG C 199 -29.81 -5.46 -15.76
N ALA C 200 -30.83 -5.44 -16.61
CA ALA C 200 -31.48 -4.19 -17.01
C ALA C 200 -31.83 -3.29 -15.83
N LEU C 201 -31.73 -1.99 -16.04
CA LEU C 201 -32.05 -1.02 -15.01
C LEU C 201 -33.51 -0.60 -15.17
N SER C 202 -34.37 -1.11 -14.29
CA SER C 202 -35.79 -0.80 -14.33
C SER C 202 -36.09 0.55 -13.68
N PRO C 203 -37.27 1.11 -13.95
CA PRO C 203 -37.62 2.40 -13.36
C PRO C 203 -37.47 2.36 -11.84
N GLU C 204 -37.76 1.20 -11.26
CA GLU C 204 -37.63 1.03 -9.81
C GLU C 204 -36.15 1.07 -9.44
N ASP C 205 -35.31 0.43 -10.25
CA ASP C 205 -33.88 0.40 -9.99
C ASP C 205 -33.30 1.80 -10.03
N ARG C 206 -33.62 2.53 -11.10
CA ARG C 206 -33.11 3.88 -11.26
C ARG C 206 -33.57 4.80 -10.13
N ALA C 207 -34.81 4.63 -9.69
CA ALA C 207 -35.34 5.44 -8.60
C ALA C 207 -34.59 5.14 -7.32
N ARG C 208 -34.31 3.87 -7.07
CA ARG C 208 -33.60 3.45 -5.88
C ARG C 208 -32.18 4.02 -5.90
N ILE C 209 -31.53 3.92 -7.05
CA ILE C 209 -30.17 4.43 -7.20
C ILE C 209 -30.14 5.95 -7.04
N ASP C 210 -31.13 6.64 -7.61
CA ASP C 210 -31.15 8.10 -7.51
C ASP C 210 -31.29 8.51 -6.04
N GLU C 211 -32.16 7.83 -5.31
CA GLU C 211 -32.37 8.15 -3.90
C GLU C 211 -31.11 7.81 -3.11
N GLY C 212 -30.48 6.70 -3.46
CA GLY C 212 -29.26 6.29 -2.77
C GLY C 212 -28.17 7.33 -2.88
N VAL C 213 -28.07 7.96 -4.04
CA VAL C 213 -27.06 9.00 -4.27
C VAL C 213 -27.47 10.37 -3.74
N ARG C 214 -28.63 10.84 -4.21
CA ARG C 214 -29.13 12.16 -3.84
C ARG C 214 -29.47 12.43 -2.39
N ARG C 215 -30.03 11.43 -1.69
CA ARG C 215 -30.42 11.61 -0.30
C ARG C 215 -29.44 11.11 0.76
N ALA C 216 -28.23 10.75 0.33
CA ALA C 216 -27.24 10.26 1.27
C ALA C 216 -26.96 11.25 2.40
N ALA C 217 -26.64 12.49 2.02
CA ALA C 217 -26.34 13.53 3.00
C ALA C 217 -27.47 13.74 4.01
N TYR C 218 -28.71 13.72 3.52
CA TYR C 218 -29.86 13.89 4.40
C TYR C 218 -29.90 12.78 5.44
N ARG C 219 -29.75 11.55 4.99
CA ARG C 219 -29.79 10.40 5.89
C ARG C 219 -28.68 10.46 6.94
N ILE C 220 -27.48 10.83 6.51
CA ILE C 220 -26.34 10.92 7.42
C ILE C 220 -26.52 12.03 8.44
N ILE C 221 -26.97 13.20 7.99
CA ILE C 221 -27.19 14.32 8.89
C ILE C 221 -28.28 14.03 9.90
N GLU C 222 -29.32 13.32 9.47
CA GLU C 222 -30.42 12.97 10.37
C GLU C 222 -30.00 11.97 11.44
N GLY C 223 -29.06 11.08 11.11
CA GLY C 223 -28.62 10.09 12.07
C GLY C 223 -27.39 10.47 12.89
N LYS C 224 -26.50 11.25 12.31
CA LYS C 224 -25.25 11.67 12.96
C LYS C 224 -25.23 13.16 13.33
N GLY C 225 -25.93 13.97 12.55
CA GLY C 225 -25.95 15.39 12.81
C GLY C 225 -25.06 16.15 11.86
N ALA C 226 -24.12 15.44 11.25
CA ALA C 226 -23.19 16.03 10.31
C ALA C 226 -22.48 14.94 9.51
N THR C 227 -21.96 15.31 8.35
CA THR C 227 -21.23 14.36 7.52
C THR C 227 -19.77 14.79 7.47
N TYR C 228 -18.85 13.84 7.43
CA TYR C 228 -17.43 14.19 7.38
C TYR C 228 -16.47 13.07 6.98
N TYR C 229 -16.77 11.82 7.33
CA TYR C 229 -15.87 10.73 6.97
C TYR C 229 -15.69 10.59 5.45
N GLY C 230 -16.79 10.64 4.71
CA GLY C 230 -16.71 10.51 3.27
C GLY C 230 -15.86 11.59 2.62
N ILE C 231 -16.20 12.84 2.89
CA ILE C 231 -15.48 13.94 2.27
C ILE C 231 -14.01 13.99 2.69
N GLY C 232 -13.72 13.50 3.89
CA GLY C 232 -12.35 13.50 4.34
C GLY C 232 -11.47 12.68 3.41
N ALA C 233 -11.99 11.52 2.99
CA ALA C 233 -11.25 10.63 2.08
C ALA C 233 -11.28 11.17 0.65
N GLY C 234 -12.42 11.73 0.25
CA GLY C 234 -12.52 12.30 -1.09
C GLY C 234 -11.52 13.43 -1.26
N LEU C 235 -11.45 14.31 -0.26
CA LEU C 235 -10.51 15.42 -0.29
C LEU C 235 -9.08 14.89 -0.30
N ALA C 236 -8.81 13.84 0.47
CA ALA C 236 -7.47 13.27 0.52
C ALA C 236 -7.06 12.81 -0.88
N ARG C 237 -8.01 12.30 -1.65
CA ARG C 237 -7.70 11.81 -2.99
C ARG C 237 -7.42 12.95 -3.96
N LEU C 238 -8.13 14.07 -3.79
CA LEU C 238 -7.94 15.23 -4.64
C LEU C 238 -6.59 15.87 -4.32
N VAL C 239 -6.23 15.86 -3.04
CA VAL C 239 -4.94 16.40 -2.62
C VAL C 239 -3.85 15.54 -3.25
N ARG C 240 -4.03 14.22 -3.21
CA ARG C 240 -3.06 13.32 -3.81
C ARG C 240 -2.87 13.64 -5.30
N ALA C 241 -3.97 13.88 -6.00
CA ALA C 241 -3.91 14.20 -7.41
C ALA C 241 -3.09 15.47 -7.65
N ILE C 242 -3.29 16.47 -6.78
CA ILE C 242 -2.58 17.73 -6.90
C ILE C 242 -1.07 17.57 -6.62
N LEU C 243 -0.73 16.90 -5.52
CA LEU C 243 0.66 16.69 -5.16
C LEU C 243 1.46 15.87 -6.16
N THR C 244 0.80 14.93 -6.82
CA THR C 244 1.47 14.07 -7.80
C THR C 244 1.28 14.54 -9.24
N ASP C 245 0.63 15.69 -9.42
CA ASP C 245 0.37 16.23 -10.76
C ASP C 245 -0.18 15.11 -11.63
N GLU C 246 -1.19 14.43 -11.10
CA GLU C 246 -1.85 13.30 -11.74
C GLU C 246 -2.52 13.59 -13.08
N LYS C 247 -3.21 14.72 -13.15
CA LYS C 247 -3.95 15.10 -14.35
C LYS C 247 -5.04 14.07 -14.62
N GLY C 248 -5.72 13.67 -13.54
CA GLY C 248 -6.81 12.72 -13.67
C GLY C 248 -8.11 13.48 -13.77
N VAL C 249 -9.18 12.80 -14.19
CA VAL C 249 -10.48 13.45 -14.33
C VAL C 249 -11.36 13.25 -13.11
N TYR C 250 -11.87 14.35 -12.56
CA TYR C 250 -12.74 14.32 -11.38
C TYR C 250 -13.89 15.31 -11.53
N THR C 251 -15.05 14.96 -11.01
CA THR C 251 -16.19 15.88 -11.08
C THR C 251 -16.07 16.82 -9.88
N VAL C 252 -15.30 17.89 -10.08
CA VAL C 252 -15.08 18.89 -9.04
C VAL C 252 -15.59 20.26 -9.48
N SER C 253 -15.81 21.13 -8.52
CA SER C 253 -16.32 22.45 -8.81
C SER C 253 -15.23 23.50 -9.08
N ALA C 254 -15.46 24.32 -10.09
CA ALA C 254 -14.52 25.39 -10.43
C ALA C 254 -15.30 26.46 -11.15
N PHE C 255 -14.74 27.67 -11.15
CA PHE C 255 -15.37 28.80 -11.83
C PHE C 255 -15.44 28.47 -13.31
N THR C 256 -16.64 28.56 -13.87
CA THR C 256 -16.86 28.25 -15.28
C THR C 256 -17.42 29.45 -16.05
N PRO C 257 -16.72 29.89 -17.10
CA PRO C 257 -17.14 31.04 -17.91
C PRO C 257 -18.56 30.91 -18.45
N GLU C 258 -18.91 29.71 -18.92
CA GLU C 258 -20.24 29.48 -19.47
C GLU C 258 -20.62 28.00 -19.48
N VAL C 259 -21.84 27.72 -19.04
CA VAL C 259 -22.36 26.36 -19.01
C VAL C 259 -23.87 26.40 -19.29
N GLU C 260 -24.25 25.80 -20.42
CA GLU C 260 -25.65 25.77 -20.82
C GLU C 260 -26.31 27.15 -20.78
N GLY C 261 -25.56 28.16 -21.19
CA GLY C 261 -26.09 29.52 -21.21
C GLY C 261 -25.84 30.34 -19.97
N VAL C 262 -25.68 29.69 -18.82
CA VAL C 262 -25.43 30.40 -17.57
C VAL C 262 -23.97 30.85 -17.55
N LEU C 263 -23.73 32.10 -17.20
CA LEU C 263 -22.38 32.65 -17.20
C LEU C 263 -21.73 32.86 -15.83
N GLU C 264 -20.40 32.72 -15.81
CA GLU C 264 -19.59 32.89 -14.62
C GLU C 264 -20.16 32.29 -13.34
N VAL C 265 -20.16 30.95 -13.28
CA VAL C 265 -20.69 30.26 -12.11
C VAL C 265 -19.82 29.05 -11.81
N SER C 266 -19.74 28.69 -10.53
CA SER C 266 -18.95 27.53 -10.12
C SER C 266 -19.85 26.33 -9.88
N LEU C 267 -19.53 25.21 -10.52
CA LEU C 267 -20.29 23.97 -10.36
C LEU C 267 -19.42 22.80 -10.77
N SER C 268 -19.88 21.57 -10.50
CA SER C 268 -19.09 20.40 -10.86
C SER C 268 -19.27 19.92 -12.29
N LEU C 269 -18.13 19.71 -12.95
CA LEU C 269 -18.07 19.18 -14.31
C LEU C 269 -16.82 18.30 -14.31
N PRO C 270 -16.70 17.39 -15.30
CA PRO C 270 -15.50 16.54 -15.32
C PRO C 270 -14.30 17.44 -15.65
N ARG C 271 -13.33 17.52 -14.75
CA ARG C 271 -12.16 18.37 -14.95
C ARG C 271 -10.84 17.65 -14.72
N ILE C 272 -9.81 18.06 -15.45
CA ILE C 272 -8.49 17.47 -15.33
C ILE C 272 -7.80 18.16 -14.15
N LEU C 273 -7.40 17.38 -13.15
CA LEU C 273 -6.78 17.93 -11.95
C LEU C 273 -5.29 17.62 -11.83
N GLY C 274 -4.49 18.67 -11.66
CA GLY C 274 -3.05 18.52 -11.54
C GLY C 274 -2.41 19.46 -10.53
N ALA C 275 -1.09 19.60 -10.61
CA ALA C 275 -0.32 20.45 -9.70
C ALA C 275 -0.76 21.91 -9.68
N GLY C 276 -1.35 22.38 -10.77
CA GLY C 276 -1.79 23.77 -10.82
C GLY C 276 -3.28 23.91 -10.64
N GLY C 277 -3.94 22.83 -10.24
CA GLY C 277 -5.38 22.85 -10.05
C GLY C 277 -6.03 22.24 -11.29
N VAL C 278 -7.25 22.67 -11.61
CA VAL C 278 -7.93 22.13 -12.80
C VAL C 278 -7.37 22.80 -14.03
N GLU C 279 -7.09 22.01 -15.06
CA GLU C 279 -6.51 22.50 -16.29
C GLU C 279 -7.20 22.01 -17.55
N GLY C 280 -8.51 21.81 -17.47
CA GLY C 280 -9.24 21.34 -18.64
C GLY C 280 -10.57 20.77 -18.22
N THR C 281 -11.58 20.95 -19.08
CA THR C 281 -12.91 20.45 -18.79
C THR C 281 -13.29 19.44 -19.88
N VAL C 282 -13.84 18.31 -19.45
CA VAL C 282 -14.26 17.26 -20.38
C VAL C 282 -15.78 17.14 -20.34
N TYR C 283 -16.45 18.01 -21.08
CA TYR C 283 -17.91 18.03 -21.15
C TYR C 283 -18.45 16.79 -21.85
N PRO C 284 -19.28 15.99 -21.17
CA PRO C 284 -19.86 14.78 -21.76
C PRO C 284 -21.14 15.07 -22.53
N SER C 285 -21.59 14.06 -23.28
CA SER C 285 -22.82 14.18 -24.03
C SER C 285 -23.96 14.12 -23.01
N LEU C 286 -25.00 14.92 -23.22
CA LEU C 286 -26.13 14.95 -22.30
C LEU C 286 -27.44 14.85 -23.07
N SER C 287 -28.46 14.26 -22.45
CA SER C 287 -29.76 14.15 -23.09
C SER C 287 -30.43 15.51 -22.94
N PRO C 288 -31.54 15.74 -23.65
CA PRO C 288 -32.20 17.04 -23.52
C PRO C 288 -32.64 17.28 -22.08
N GLU C 289 -33.13 16.22 -21.44
CA GLU C 289 -33.58 16.31 -20.05
C GLU C 289 -32.42 16.60 -19.10
N GLU C 290 -31.32 15.88 -19.26
CA GLU C 290 -30.14 16.07 -18.41
C GLU C 290 -29.56 17.48 -18.63
N ARG C 291 -29.53 17.91 -19.88
CA ARG C 291 -29.00 19.22 -20.22
C ARG C 291 -29.82 20.35 -19.60
N GLU C 292 -31.13 20.17 -19.55
CA GLU C 292 -32.04 21.16 -18.97
C GLU C 292 -31.90 21.15 -17.45
N ALA C 293 -31.73 19.96 -16.88
CA ALA C 293 -31.59 19.84 -15.44
C ALA C 293 -30.30 20.52 -15.01
N LEU C 294 -29.28 20.44 -15.85
CA LEU C 294 -27.99 21.06 -15.54
C LEU C 294 -28.09 22.57 -15.69
N ARG C 295 -28.88 23.01 -16.67
CA ARG C 295 -29.06 24.45 -16.89
C ARG C 295 -29.71 25.04 -15.64
N ARG C 296 -30.76 24.37 -15.16
CA ARG C 296 -31.47 24.81 -13.97
C ARG C 296 -30.56 24.82 -12.75
N SER C 297 -29.72 23.79 -12.64
CA SER C 297 -28.80 23.68 -11.50
C SER C 297 -27.86 24.88 -11.52
N ALA C 298 -27.32 25.19 -12.70
CA ALA C 298 -26.40 26.32 -12.84
C ALA C 298 -27.07 27.64 -12.48
N GLU C 299 -28.34 27.79 -12.86
CA GLU C 299 -29.07 29.03 -12.55
C GLU C 299 -29.29 29.17 -11.05
N ILE C 300 -29.58 28.06 -10.38
CA ILE C 300 -29.79 28.07 -8.94
C ILE C 300 -28.52 28.55 -8.26
N LEU C 301 -27.38 28.03 -8.70
CA LEU C 301 -26.09 28.40 -8.14
C LEU C 301 -25.74 29.85 -8.45
N LYS C 302 -26.09 30.30 -9.65
CA LYS C 302 -25.81 31.68 -10.04
C LYS C 302 -26.56 32.63 -9.12
N GLU C 303 -27.83 32.31 -8.85
CA GLU C 303 -28.67 33.12 -7.99
C GLU C 303 -28.12 33.12 -6.55
N ALA C 304 -27.59 31.98 -6.12
CA ALA C 304 -27.03 31.88 -4.78
C ALA C 304 -25.78 32.76 -4.66
N ALA C 305 -24.96 32.77 -5.71
CA ALA C 305 -23.76 33.58 -5.73
C ALA C 305 -24.14 35.06 -5.73
N PHE C 306 -25.14 35.41 -6.51
CA PHE C 306 -25.61 36.79 -6.58
C PHE C 306 -25.99 37.33 -5.20
N ALA C 307 -26.80 36.57 -4.47
CA ALA C 307 -27.26 36.99 -3.16
C ALA C 307 -26.11 37.27 -2.20
N LEU C 308 -25.01 36.57 -2.40
CA LEU C 308 -23.84 36.73 -1.54
C LEU C 308 -22.90 37.83 -2.05
N GLY C 309 -23.06 38.19 -3.32
CA GLY C 309 -22.23 39.24 -3.90
C GLY C 309 -20.99 38.77 -4.64
N PHE C 310 -21.00 37.54 -5.14
CA PHE C 310 -19.85 37.00 -5.87
C PHE C 310 -20.23 36.37 -7.20
N MET D 1 11.37 11.98 -6.86
CA MET D 1 12.82 11.71 -6.67
C MET D 1 13.33 10.73 -7.71
N LYS D 2 14.64 10.75 -7.95
CA LYS D 2 15.27 9.90 -8.95
C LYS D 2 16.27 8.93 -8.34
N VAL D 3 16.26 7.69 -8.83
CA VAL D 3 17.19 6.68 -8.36
C VAL D 3 17.96 6.16 -9.56
N GLY D 4 19.27 6.09 -9.43
CA GLY D 4 20.08 5.58 -10.53
C GLY D 4 20.59 4.18 -10.24
N ILE D 5 20.84 3.43 -11.31
CA ILE D 5 21.38 2.07 -11.19
C ILE D 5 22.42 1.88 -12.28
N VAL D 6 23.69 1.69 -11.91
CA VAL D 6 24.73 1.46 -12.90
C VAL D 6 25.00 -0.05 -12.94
N GLY D 7 24.79 -0.65 -14.11
CA GLY D 7 24.97 -2.08 -14.28
C GLY D 7 23.57 -2.64 -14.46
N SER D 8 23.22 -3.00 -15.69
CA SER D 8 21.86 -3.50 -15.95
C SER D 8 21.82 -4.99 -16.23
N GLY D 9 22.51 -5.76 -15.38
CA GLY D 9 22.53 -7.21 -15.49
C GLY D 9 21.33 -7.71 -14.71
N MET D 10 21.35 -8.96 -14.25
CA MET D 10 20.20 -9.47 -13.50
C MET D 10 20.00 -8.77 -12.16
N VAL D 11 21.09 -8.42 -11.48
CA VAL D 11 20.96 -7.73 -10.19
C VAL D 11 20.43 -6.31 -10.38
N GLY D 12 21.06 -5.56 -11.28
CA GLY D 12 20.62 -4.20 -11.51
C GLY D 12 19.19 -4.12 -12.02
N SER D 13 18.83 -4.99 -12.96
CA SER D 13 17.48 -4.98 -13.52
C SER D 13 16.43 -5.46 -12.49
N ALA D 14 16.80 -6.44 -11.68
CA ALA D 14 15.88 -6.93 -10.66
C ALA D 14 15.63 -5.83 -9.64
N THR D 15 16.66 -5.03 -9.35
CA THR D 15 16.53 -3.92 -8.41
C THR D 15 15.55 -2.88 -9.00
N ALA D 16 15.69 -2.59 -10.29
CA ALA D 16 14.81 -1.63 -10.94
C ALA D 16 13.37 -2.12 -10.90
N TYR D 17 13.19 -3.43 -11.09
CA TYR D 17 11.85 -4.03 -11.10
C TYR D 17 11.24 -3.90 -9.72
N ALA D 18 12.02 -4.22 -8.69
CA ALA D 18 11.53 -4.13 -7.32
C ALA D 18 11.19 -2.67 -7.00
N LEU D 19 12.06 -1.73 -7.37
CA LEU D 19 11.77 -0.32 -7.09
C LEU D 19 10.47 0.09 -7.75
N ALA D 20 10.26 -0.37 -8.97
CA ALA D 20 9.05 -0.03 -9.72
C ALA D 20 7.79 -0.64 -9.11
N LEU D 21 7.81 -1.95 -8.86
CA LEU D 21 6.64 -2.62 -8.30
C LEU D 21 6.28 -2.13 -6.89
N LEU D 22 7.29 -1.71 -6.13
CA LEU D 22 7.06 -1.22 -4.78
C LEU D 22 6.83 0.29 -4.75
N GLY D 23 6.94 0.93 -5.92
CA GLY D 23 6.72 2.37 -6.02
C GLY D 23 7.62 3.20 -5.12
N VAL D 24 8.89 2.84 -5.07
CA VAL D 24 9.85 3.54 -4.21
C VAL D 24 10.22 4.96 -4.68
N ALA D 25 10.36 5.14 -5.99
CA ALA D 25 10.72 6.43 -6.56
C ALA D 25 9.97 6.68 -7.85
N ARG D 26 9.79 7.95 -8.20
CA ARG D 26 9.06 8.30 -9.41
C ARG D 26 9.87 8.03 -10.68
N GLU D 27 11.20 8.08 -10.57
CA GLU D 27 12.06 7.85 -11.72
C GLU D 27 13.25 6.94 -11.41
N VAL D 28 13.49 5.97 -12.30
CA VAL D 28 14.61 5.04 -12.14
C VAL D 28 15.41 5.03 -13.44
N VAL D 29 16.70 5.30 -13.33
CA VAL D 29 17.57 5.33 -14.52
C VAL D 29 18.62 4.22 -14.53
N LEU D 30 18.56 3.37 -15.55
CA LEU D 30 19.50 2.26 -15.71
C LEU D 30 20.64 2.66 -16.66
N VAL D 31 21.87 2.62 -16.15
CA VAL D 31 23.04 2.99 -16.96
C VAL D 31 23.96 1.79 -17.16
N ASP D 32 24.25 1.46 -18.42
CA ASP D 32 25.16 0.36 -18.70
C ASP D 32 25.89 0.62 -20.01
N LEU D 33 27.18 0.27 -20.06
CA LEU D 33 27.95 0.44 -21.29
C LEU D 33 27.26 -0.33 -22.40
N ASP D 34 26.59 -1.42 -22.05
CA ASP D 34 25.83 -2.23 -23.02
C ASP D 34 24.47 -1.54 -23.06
N ARG D 35 24.34 -0.52 -23.91
CA ARG D 35 23.10 0.23 -24.01
C ARG D 35 21.88 -0.56 -24.45
N LYS D 36 22.07 -1.51 -25.37
CA LYS D 36 20.94 -2.30 -25.82
C LYS D 36 20.38 -3.15 -24.67
N LEU D 37 21.28 -3.65 -23.83
CA LEU D 37 20.86 -4.45 -22.68
C LEU D 37 20.03 -3.58 -21.73
N ALA D 38 20.55 -2.40 -21.38
CA ALA D 38 19.82 -1.51 -20.48
C ALA D 38 18.49 -1.05 -21.06
N GLN D 39 18.47 -0.74 -22.36
CA GLN D 39 17.22 -0.30 -22.98
C GLN D 39 16.17 -1.41 -22.96
N ALA D 40 16.60 -2.64 -23.20
CA ALA D 40 15.67 -3.77 -23.21
C ALA D 40 15.09 -4.01 -21.81
N HIS D 41 15.94 -4.03 -20.78
CA HIS D 41 15.42 -4.24 -19.42
C HIS D 41 14.50 -3.08 -19.03
N ALA D 42 14.92 -1.85 -19.34
CA ALA D 42 14.10 -0.69 -18.99
C ALA D 42 12.73 -0.73 -19.65
N GLU D 43 12.66 -1.04 -20.94
CA GLU D 43 11.37 -1.09 -21.62
C GLU D 43 10.50 -2.23 -21.10
N ASP D 44 11.13 -3.36 -20.80
CA ASP D 44 10.41 -4.54 -20.29
C ASP D 44 9.75 -4.15 -18.96
N ILE D 45 10.51 -3.50 -18.09
CA ILE D 45 10.00 -3.06 -16.80
C ILE D 45 8.96 -1.95 -16.95
N LEU D 46 9.18 -1.04 -17.90
CA LEU D 46 8.21 0.02 -18.09
C LEU D 46 6.84 -0.59 -18.43
N HIS D 47 6.82 -1.73 -19.12
CA HIS D 47 5.55 -2.37 -19.47
C HIS D 47 4.82 -2.95 -18.26
N ALA D 48 5.53 -3.05 -17.14
CA ALA D 48 4.92 -3.58 -15.94
C ALA D 48 4.28 -2.48 -15.09
N THR D 49 4.80 -1.25 -15.20
CA THR D 49 4.30 -0.16 -14.38
C THR D 49 2.80 0.13 -14.38
N PRO D 50 2.11 -0.08 -15.51
CA PRO D 50 0.66 0.21 -15.47
C PRO D 50 -0.07 -0.71 -14.49
N PHE D 51 0.56 -1.82 -14.12
CA PHE D 51 -0.05 -2.79 -13.23
C PHE D 51 0.41 -2.67 -11.78
N ALA D 52 1.10 -1.58 -11.47
CA ALA D 52 1.58 -1.34 -10.11
C ALA D 52 1.55 0.13 -9.75
N HIS D 53 2.64 0.84 -10.02
CA HIS D 53 2.71 2.27 -9.67
C HIS D 53 3.32 3.11 -10.79
N PRO D 54 2.93 4.39 -10.85
CA PRO D 54 3.48 5.25 -11.90
C PRO D 54 4.95 5.54 -11.61
N VAL D 55 5.82 4.88 -12.35
CA VAL D 55 7.26 5.03 -12.21
C VAL D 55 7.87 5.10 -13.60
N TRP D 56 8.66 6.12 -13.86
CA TRP D 56 9.29 6.23 -15.16
C TRP D 56 10.64 5.52 -15.11
N VAL D 57 10.70 4.35 -15.73
CA VAL D 57 11.91 3.55 -15.77
C VAL D 57 12.50 3.72 -17.16
N ARG D 58 13.76 4.12 -17.23
CA ARG D 58 14.39 4.34 -18.53
C ARG D 58 15.88 4.05 -18.49
N ALA D 59 16.44 3.81 -19.67
CA ALA D 59 17.87 3.57 -19.78
C ALA D 59 18.48 4.94 -20.10
N GLY D 60 19.68 5.19 -19.59
CA GLY D 60 20.30 6.47 -19.86
C GLY D 60 21.80 6.46 -19.67
N SER D 61 22.38 7.65 -19.61
CA SER D 61 23.81 7.82 -19.43
C SER D 61 24.08 8.37 -18.04
N TYR D 62 25.35 8.53 -17.69
CA TYR D 62 25.71 9.09 -16.40
C TYR D 62 25.07 10.47 -16.28
N GLY D 63 25.04 11.19 -17.40
CA GLY D 63 24.46 12.53 -17.41
C GLY D 63 23.00 12.54 -16.98
N ASP D 64 22.30 11.45 -17.28
CA ASP D 64 20.87 11.33 -16.94
C ASP D 64 20.67 11.02 -15.45
N LEU D 65 21.76 10.91 -14.70
CA LEU D 65 21.64 10.63 -13.27
C LEU D 65 21.55 11.90 -12.46
N GLU D 66 21.63 13.05 -13.13
CA GLU D 66 21.56 14.32 -12.42
C GLU D 66 20.36 14.39 -11.48
N GLY D 67 20.61 14.81 -10.25
CA GLY D 67 19.54 14.93 -9.28
C GLY D 67 19.24 13.69 -8.46
N ALA D 68 19.88 12.57 -8.80
CA ALA D 68 19.63 11.32 -8.08
C ALA D 68 20.10 11.40 -6.62
N ARG D 69 19.26 10.92 -5.70
CA ARG D 69 19.60 10.94 -4.28
C ARG D 69 20.31 9.66 -3.86
N ALA D 70 20.22 8.66 -4.72
CA ALA D 70 20.86 7.38 -4.48
C ALA D 70 21.17 6.73 -5.81
N VAL D 71 22.34 6.13 -5.92
CA VAL D 71 22.75 5.44 -7.13
C VAL D 71 23.30 4.08 -6.71
N VAL D 72 22.68 3.03 -7.22
CA VAL D 72 23.05 1.65 -6.94
C VAL D 72 24.17 1.23 -7.88
N LEU D 73 25.26 0.71 -7.33
CA LEU D 73 26.36 0.26 -8.16
C LEU D 73 26.33 -1.27 -8.25
N ALA D 74 25.73 -1.76 -9.34
CA ALA D 74 25.62 -3.19 -9.58
C ALA D 74 26.42 -3.47 -10.85
N ALA D 75 27.50 -2.72 -11.03
CA ALA D 75 28.34 -2.85 -12.21
C ALA D 75 29.46 -3.87 -12.04
N GLY D 76 29.89 -4.46 -13.15
CA GLY D 76 30.95 -5.45 -13.10
C GLY D 76 31.01 -6.21 -14.41
N VAL D 77 31.91 -7.19 -14.47
CA VAL D 77 32.08 -7.99 -15.67
C VAL D 77 31.93 -9.48 -15.37
N ALA D 78 31.67 -10.27 -16.41
CA ALA D 78 31.50 -11.72 -16.26
C ALA D 78 32.86 -12.40 -16.26
N GLN D 79 33.06 -13.32 -15.31
CA GLN D 79 34.32 -14.04 -15.22
C GLN D 79 34.62 -14.79 -16.50
N ARG D 80 35.86 -14.68 -16.97
CA ARG D 80 36.29 -15.32 -18.20
C ARG D 80 36.93 -16.68 -17.93
N PRO D 81 36.94 -17.56 -18.94
CA PRO D 81 37.55 -18.88 -18.74
C PRO D 81 39.02 -18.70 -18.40
N GLY D 82 39.51 -19.47 -17.44
CA GLY D 82 40.90 -19.38 -17.05
C GLY D 82 41.21 -18.23 -16.11
N GLU D 83 40.21 -17.41 -15.82
CA GLU D 83 40.39 -16.26 -14.93
C GLU D 83 40.18 -16.64 -13.46
N THR D 84 41.09 -16.21 -12.60
CA THR D 84 40.99 -16.51 -11.18
C THR D 84 40.12 -15.48 -10.45
N ARG D 85 39.78 -15.78 -9.20
CA ARG D 85 38.96 -14.89 -8.39
C ARG D 85 39.65 -13.53 -8.25
N LEU D 86 40.95 -13.55 -7.98
CA LEU D 86 41.71 -12.32 -7.82
C LEU D 86 41.81 -11.50 -9.10
N GLN D 87 41.90 -12.16 -10.24
CA GLN D 87 41.98 -11.43 -11.50
C GLN D 87 40.65 -10.77 -11.81
N LEU D 88 39.56 -11.46 -11.49
CA LEU D 88 38.22 -10.92 -11.71
C LEU D 88 38.04 -9.70 -10.82
N LEU D 89 38.47 -9.81 -9.56
CA LEU D 89 38.37 -8.70 -8.61
C LEU D 89 39.07 -7.46 -9.16
N ASP D 90 40.22 -7.66 -9.78
CA ASP D 90 40.96 -6.54 -10.35
C ASP D 90 40.19 -5.87 -11.49
N ARG D 91 39.55 -6.68 -12.33
CA ARG D 91 38.77 -6.14 -13.45
C ARG D 91 37.58 -5.35 -12.93
N ASN D 92 36.93 -5.86 -11.88
CA ASN D 92 35.79 -5.14 -11.31
C ASN D 92 36.21 -3.86 -10.61
N ALA D 93 37.38 -3.89 -9.98
CA ALA D 93 37.89 -2.70 -9.32
C ALA D 93 38.10 -1.64 -10.40
N GLN D 94 38.57 -2.07 -11.56
CA GLN D 94 38.79 -1.14 -12.67
C GLN D 94 37.48 -0.56 -13.20
N VAL D 95 36.43 -1.36 -13.19
CA VAL D 95 35.12 -0.88 -13.63
C VAL D 95 34.67 0.22 -12.67
N PHE D 96 34.82 -0.01 -11.37
CA PHE D 96 34.43 1.00 -10.38
C PHE D 96 35.25 2.27 -10.54
N ALA D 97 36.52 2.14 -10.90
CA ALA D 97 37.37 3.30 -11.10
C ALA D 97 36.80 4.21 -12.20
N GLN D 98 36.13 3.62 -13.19
CA GLN D 98 35.54 4.43 -14.26
C GLN D 98 34.16 4.90 -13.84
N VAL D 99 33.40 4.02 -13.19
CA VAL D 99 32.03 4.32 -12.77
C VAL D 99 31.87 5.39 -11.70
N VAL D 100 32.58 5.24 -10.58
CA VAL D 100 32.42 6.16 -9.47
C VAL D 100 32.54 7.65 -9.77
N PRO D 101 33.66 8.09 -10.37
CA PRO D 101 33.74 9.53 -10.65
C PRO D 101 32.71 10.07 -11.65
N ARG D 102 32.28 9.24 -12.59
CA ARG D 102 31.30 9.70 -13.57
C ARG D 102 29.91 9.83 -12.91
N VAL D 103 29.62 8.97 -11.94
CA VAL D 103 28.34 9.05 -11.22
C VAL D 103 28.33 10.32 -10.38
N LEU D 104 29.40 10.53 -9.63
CA LEU D 104 29.50 11.68 -8.74
C LEU D 104 29.54 13.05 -9.45
N GLU D 105 30.00 13.07 -10.70
CA GLU D 105 30.03 14.31 -11.48
C GLU D 105 28.60 14.77 -11.76
N ALA D 106 27.74 13.81 -12.07
CA ALA D 106 26.35 14.07 -12.40
C ALA D 106 25.42 14.21 -11.21
N ALA D 107 25.66 13.39 -10.17
CA ALA D 107 24.83 13.39 -8.97
C ALA D 107 25.76 13.52 -7.77
N PRO D 108 26.31 14.73 -7.55
CA PRO D 108 27.23 15.02 -6.44
C PRO D 108 26.74 14.74 -5.03
N GLU D 109 25.42 14.76 -4.82
CA GLU D 109 24.88 14.53 -3.48
C GLU D 109 24.35 13.12 -3.26
N ALA D 110 24.54 12.26 -4.25
CA ALA D 110 24.05 10.88 -4.16
C ALA D 110 24.73 10.00 -3.14
N VAL D 111 23.96 9.09 -2.56
CA VAL D 111 24.49 8.10 -1.64
C VAL D 111 24.78 6.95 -2.59
N LEU D 112 25.95 6.33 -2.47
CA LEU D 112 26.30 5.22 -3.35
C LEU D 112 25.99 3.90 -2.65
N LEU D 113 25.12 3.09 -3.24
CA LEU D 113 24.75 1.80 -2.67
C LEU D 113 25.37 0.68 -3.49
N VAL D 114 26.42 0.06 -2.93
CA VAL D 114 27.18 -0.99 -3.60
C VAL D 114 26.59 -2.40 -3.47
N ALA D 115 26.45 -3.08 -4.61
CA ALA D 115 25.90 -4.43 -4.63
C ALA D 115 26.84 -5.49 -5.20
N THR D 116 27.79 -5.07 -6.03
CA THR D 116 28.72 -5.99 -6.68
C THR D 116 29.53 -6.86 -5.72
N ASN D 117 29.57 -8.16 -5.98
CA ASN D 117 30.32 -9.09 -5.14
C ASN D 117 31.80 -9.10 -5.48
N PRO D 118 32.69 -9.24 -4.48
CA PRO D 118 32.39 -9.39 -3.04
C PRO D 118 32.02 -8.01 -2.52
N VAL D 119 30.80 -7.87 -1.99
CA VAL D 119 30.32 -6.57 -1.55
C VAL D 119 31.15 -5.76 -0.55
N ASP D 120 31.83 -6.44 0.39
CA ASP D 120 32.62 -5.67 1.36
C ASP D 120 33.85 -5.05 0.74
N VAL D 121 34.58 -5.82 -0.08
CA VAL D 121 35.76 -5.29 -0.73
C VAL D 121 35.36 -4.22 -1.76
N MET D 122 34.27 -4.45 -2.48
CA MET D 122 33.83 -3.47 -3.47
C MET D 122 33.31 -2.19 -2.79
N THR D 123 32.83 -2.30 -1.56
CA THR D 123 32.36 -1.13 -0.84
C THR D 123 33.60 -0.30 -0.44
N GLN D 124 34.66 -0.98 -0.04
CA GLN D 124 35.90 -0.31 0.34
C GLN D 124 36.46 0.38 -0.91
N VAL D 125 36.42 -0.34 -2.03
CA VAL D 125 36.91 0.21 -3.29
C VAL D 125 36.16 1.50 -3.62
N ALA D 126 34.83 1.44 -3.62
CA ALA D 126 34.04 2.61 -3.93
C ALA D 126 34.30 3.75 -2.94
N TYR D 127 34.45 3.41 -1.66
CA TYR D 127 34.72 4.43 -0.65
C TYR D 127 36.00 5.20 -0.95
N ARG D 128 37.09 4.46 -1.21
CA ARG D 128 38.38 5.10 -1.49
C ARG D 128 38.32 5.97 -2.74
N LEU D 129 37.69 5.44 -3.79
CA LEU D 129 37.56 6.18 -5.05
C LEU D 129 36.69 7.42 -4.95
N SER D 130 35.61 7.32 -4.19
CA SER D 130 34.65 8.42 -4.06
C SER D 130 35.18 9.71 -3.43
N ALA D 131 36.13 9.60 -2.51
CA ALA D 131 36.67 10.78 -1.84
C ALA D 131 35.55 11.46 -1.06
N LEU D 132 34.54 10.67 -0.67
CA LEU D 132 33.42 11.18 0.08
C LEU D 132 33.57 10.74 1.53
N PRO D 133 32.75 11.29 2.44
CA PRO D 133 32.84 10.88 3.84
C PRO D 133 32.46 9.40 3.89
N PRO D 134 32.92 8.67 4.93
CA PRO D 134 32.61 7.24 5.04
C PRO D 134 31.13 6.88 4.93
N GLY D 135 30.25 7.72 5.48
CA GLY D 135 28.83 7.42 5.45
C GLY D 135 28.11 7.43 4.12
N ARG D 136 28.68 8.09 3.13
CA ARG D 136 28.06 8.19 1.80
C ARG D 136 28.15 6.95 0.93
N VAL D 137 28.98 5.97 1.31
CA VAL D 137 29.14 4.74 0.54
C VAL D 137 28.69 3.55 1.39
N VAL D 138 27.61 2.91 0.96
CA VAL D 138 27.03 1.81 1.70
C VAL D 138 26.91 0.55 0.84
N GLY D 139 27.30 -0.60 1.38
CA GLY D 139 27.18 -1.85 0.64
C GLY D 139 25.99 -2.64 1.18
N SER D 140 25.28 -3.36 0.33
CA SER D 140 24.12 -4.13 0.77
C SER D 140 24.50 -5.06 1.92
N GLY D 141 25.73 -5.57 1.88
CA GLY D 141 26.22 -6.43 2.94
C GLY D 141 25.41 -7.66 3.29
N THR D 142 25.15 -7.85 4.57
CA THR D 142 24.42 -9.01 5.06
C THR D 142 22.91 -8.83 5.27
N ILE D 143 22.31 -7.79 4.69
CA ILE D 143 20.88 -7.59 4.93
C ILE D 143 19.98 -8.78 4.62
N LEU D 144 20.26 -9.54 3.56
CA LEU D 144 19.41 -10.69 3.25
C LEU D 144 19.57 -11.81 4.27
N ASP D 145 20.81 -12.02 4.71
CA ASP D 145 21.14 -13.06 5.69
C ASP D 145 20.51 -12.75 7.04
N THR D 146 20.58 -11.48 7.45
CA THR D 146 19.98 -11.05 8.72
C THR D 146 18.47 -11.30 8.64
N ALA D 147 17.86 -10.92 7.53
CA ALA D 147 16.42 -11.10 7.36
C ALA D 147 16.02 -12.57 7.37
N ARG D 148 16.85 -13.42 6.75
CA ARG D 148 16.56 -14.85 6.70
C ARG D 148 16.71 -15.47 8.10
N PHE D 149 17.70 -15.00 8.84
CA PHE D 149 17.97 -15.47 10.20
C PHE D 149 16.75 -15.15 11.09
N ARG D 150 16.27 -13.91 11.01
CA ARG D 150 15.10 -13.50 11.78
C ARG D 150 13.86 -14.30 11.37
N ALA D 151 13.71 -14.55 10.07
CA ALA D 151 12.55 -15.28 9.58
C ALA D 151 12.53 -16.73 10.10
N LEU D 152 13.67 -17.39 10.03
CA LEU D 152 13.75 -18.77 10.49
C LEU D 152 13.49 -18.87 11.99
N LEU D 153 13.95 -17.88 12.75
CA LEU D 153 13.73 -17.88 14.19
C LEU D 153 12.26 -17.62 14.47
N ALA D 154 11.67 -16.67 13.75
CA ALA D 154 10.26 -16.33 13.91
C ALA D 154 9.40 -17.56 13.63
N GLU D 155 9.73 -18.28 12.57
CA GLU D 155 8.98 -19.48 12.20
C GLU D 155 9.09 -20.56 13.27
N HIS D 156 10.29 -20.71 13.82
CA HIS D 156 10.52 -21.71 14.87
C HIS D 156 9.75 -21.36 16.14
N LEU D 157 9.74 -20.07 16.46
CA LEU D 157 9.09 -19.57 17.68
C LEU D 157 7.61 -19.25 17.54
N ARG D 158 7.11 -19.27 16.31
CA ARG D 158 5.72 -18.92 16.03
C ARG D 158 5.44 -17.50 16.53
N VAL D 159 6.26 -16.55 16.10
CA VAL D 159 6.08 -15.16 16.48
C VAL D 159 6.35 -14.27 15.25
N ALA D 160 5.83 -13.05 15.28
CA ALA D 160 6.03 -12.13 14.15
C ALA D 160 7.52 -11.84 13.97
N PRO D 161 8.01 -11.86 12.72
CA PRO D 161 9.42 -11.58 12.46
C PRO D 161 9.82 -10.20 12.99
N GLN D 162 8.87 -9.27 12.98
CA GLN D 162 9.13 -7.91 13.46
C GLN D 162 9.52 -7.87 14.93
N SER D 163 9.14 -8.90 15.69
CA SER D 163 9.48 -8.93 17.11
C SER D 163 10.79 -9.66 17.39
N VAL D 164 11.42 -10.17 16.34
CA VAL D 164 12.69 -10.87 16.51
C VAL D 164 13.85 -9.94 16.18
N HIS D 165 14.79 -9.85 17.11
CA HIS D 165 15.97 -9.02 16.95
C HIS D 165 17.19 -9.92 16.89
N ALA D 166 17.67 -10.19 15.67
CA ALA D 166 18.83 -11.04 15.48
C ALA D 166 19.66 -10.49 14.31
N TYR D 167 20.98 -10.57 14.44
CA TYR D 167 21.87 -10.04 13.40
C TYR D 167 22.86 -11.02 12.82
N VAL D 168 23.28 -10.74 11.59
CA VAL D 168 24.31 -11.48 10.90
C VAL D 168 25.26 -10.34 10.58
N LEU D 169 26.49 -10.43 11.06
CA LEU D 169 27.49 -9.38 10.89
C LEU D 169 28.76 -9.86 10.21
N GLY D 170 29.64 -8.92 9.93
CA GLY D 170 30.91 -9.25 9.31
C GLY D 170 30.91 -9.33 7.81
N GLU D 171 31.71 -10.25 7.27
CA GLU D 171 31.81 -10.44 5.83
C GLU D 171 30.58 -11.14 5.26
N HIS D 172 30.03 -10.58 4.19
CA HIS D 172 28.89 -11.21 3.53
C HIS D 172 29.46 -12.41 2.80
N GLY D 173 29.29 -13.59 3.40
CA GLY D 173 29.82 -14.79 2.78
C GLY D 173 30.08 -15.87 3.82
N ASP D 174 30.99 -16.78 3.50
CA ASP D 174 31.33 -17.90 4.37
C ASP D 174 31.71 -17.54 5.81
N SER D 175 32.35 -16.40 6.02
CA SER D 175 32.77 -16.03 7.37
C SER D 175 31.80 -15.14 8.14
N GLU D 176 30.60 -14.94 7.61
CA GLU D 176 29.64 -14.10 8.32
C GLU D 176 29.37 -14.66 9.71
N VAL D 177 28.98 -13.79 10.62
CA VAL D 177 28.72 -14.21 12.00
C VAL D 177 27.26 -14.09 12.43
N LEU D 178 26.66 -15.21 12.77
CA LEU D 178 25.29 -15.19 13.26
C LEU D 178 25.41 -14.90 14.75
N VAL D 179 24.88 -13.75 15.17
CA VAL D 179 24.95 -13.34 16.56
C VAL D 179 23.83 -13.93 17.42
N TRP D 180 24.03 -15.16 17.86
CA TRP D 180 23.05 -15.86 18.70
C TRP D 180 23.01 -15.35 20.14
N SER D 181 24.18 -15.10 20.70
CA SER D 181 24.29 -14.67 22.09
C SER D 181 23.37 -13.55 22.54
N SER D 182 23.32 -12.47 21.77
CA SER D 182 22.48 -11.33 22.15
C SER D 182 21.17 -11.17 21.40
N ALA D 183 20.79 -12.19 20.63
CA ALA D 183 19.54 -12.15 19.89
C ALA D 183 18.41 -12.02 20.91
N GLN D 184 17.36 -11.29 20.56
CA GLN D 184 16.25 -11.08 21.47
C GLN D 184 14.89 -11.14 20.79
N VAL D 185 13.86 -11.40 21.59
CA VAL D 185 12.51 -11.45 21.07
C VAL D 185 11.65 -10.67 22.04
N GLY D 186 10.95 -9.67 21.53
CA GLY D 186 10.11 -8.87 22.39
C GLY D 186 10.91 -8.22 23.50
N GLY D 187 12.21 -8.07 23.28
CA GLY D 187 13.06 -7.44 24.28
C GLY D 187 13.72 -8.34 25.31
N VAL D 188 13.48 -9.65 25.23
CA VAL D 188 14.08 -10.58 26.17
C VAL D 188 14.98 -11.59 25.45
N PRO D 189 15.95 -12.17 26.18
CA PRO D 189 16.88 -13.16 25.62
C PRO D 189 16.19 -14.26 24.83
N LEU D 190 16.71 -14.53 23.63
CA LEU D 190 16.16 -15.55 22.75
C LEU D 190 15.86 -16.90 23.40
N LEU D 191 16.90 -17.56 23.91
CA LEU D 191 16.73 -18.86 24.55
C LEU D 191 15.68 -18.85 25.65
N GLU D 192 15.65 -17.78 26.43
CA GLU D 192 14.68 -17.65 27.51
C GLU D 192 13.26 -17.54 26.97
N PHE D 193 13.08 -16.72 25.93
CA PHE D 193 11.76 -16.55 25.33
C PHE D 193 11.30 -17.89 24.74
N ALA D 194 12.22 -18.58 24.08
CA ALA D 194 11.92 -19.87 23.46
C ALA D 194 11.44 -20.87 24.50
N GLU D 195 12.04 -20.80 25.69
CA GLU D 195 11.68 -21.71 26.77
C GLU D 195 10.25 -21.44 27.22
N ALA D 196 9.95 -20.18 27.53
CA ALA D 196 8.62 -19.79 27.98
C ALA D 196 7.58 -20.04 26.87
N ARG D 197 8.04 -20.11 25.64
CA ARG D 197 7.16 -20.33 24.49
C ARG D 197 6.91 -21.82 24.23
N GLY D 198 7.69 -22.67 24.89
CA GLY D 198 7.54 -24.10 24.70
C GLY D 198 8.12 -24.49 23.35
N ARG D 199 9.01 -23.65 22.85
CA ARG D 199 9.66 -23.88 21.57
C ARG D 199 11.18 -23.73 21.68
N ALA D 200 11.76 -24.41 22.67
CA ALA D 200 13.21 -24.35 22.88
C ALA D 200 13.98 -24.67 21.60
N LEU D 201 15.18 -24.09 21.50
CA LEU D 201 16.05 -24.29 20.35
C LEU D 201 17.12 -25.32 20.70
N SER D 202 17.00 -26.50 20.11
CA SER D 202 17.95 -27.58 20.36
C SER D 202 19.21 -27.36 19.54
N PRO D 203 20.27 -28.13 19.81
CA PRO D 203 21.50 -27.97 19.04
C PRO D 203 21.21 -28.23 17.57
N GLU D 204 20.35 -29.21 17.33
CA GLU D 204 19.96 -29.58 15.98
C GLU D 204 19.20 -28.43 15.32
N ASP D 205 18.35 -27.75 16.08
CA ASP D 205 17.58 -26.65 15.53
C ASP D 205 18.51 -25.52 15.09
N ARG D 206 19.45 -25.15 15.95
CA ARG D 206 20.38 -24.08 15.63
C ARG D 206 21.24 -24.42 14.41
N ALA D 207 21.65 -25.68 14.30
CA ALA D 207 22.47 -26.12 13.18
C ALA D 207 21.68 -26.01 11.89
N ARG D 208 20.39 -26.36 11.96
CA ARG D 208 19.51 -26.29 10.81
C ARG D 208 19.34 -24.84 10.35
N ILE D 209 19.11 -23.96 11.31
CA ILE D 209 18.93 -22.54 11.00
C ILE D 209 20.20 -21.93 10.43
N ASP D 210 21.35 -22.34 10.96
CA ASP D 210 22.62 -21.84 10.46
C ASP D 210 22.82 -22.20 8.99
N GLU D 211 22.56 -23.47 8.65
CA GLU D 211 22.71 -23.90 7.27
C GLU D 211 21.68 -23.22 6.37
N GLY D 212 20.51 -22.93 6.93
CA GLY D 212 19.47 -22.28 6.16
C GLY D 212 19.91 -20.88 5.75
N VAL D 213 20.59 -20.20 6.66
CA VAL D 213 21.06 -18.84 6.39
C VAL D 213 22.35 -18.84 5.57
N ARG D 214 23.34 -19.57 6.05
CA ARG D 214 24.65 -19.63 5.42
C ARG D 214 24.76 -20.24 4.03
N ARG D 215 24.03 -21.31 3.76
CA ARG D 215 24.13 -21.98 2.47
C ARG D 215 23.09 -21.58 1.41
N ALA D 216 22.25 -20.60 1.72
CA ALA D 216 21.22 -20.17 0.77
C ALA D 216 21.81 -19.79 -0.60
N ALA D 217 22.80 -18.89 -0.60
CA ALA D 217 23.43 -18.47 -1.85
C ALA D 217 23.92 -19.68 -2.64
N TYR D 218 24.60 -20.59 -1.95
CA TYR D 218 25.13 -21.79 -2.58
C TYR D 218 24.03 -22.58 -3.29
N ARG D 219 22.94 -22.83 -2.57
CA ARG D 219 21.81 -23.58 -3.13
C ARG D 219 21.20 -22.90 -4.35
N ILE D 220 20.97 -21.60 -4.25
CA ILE D 220 20.36 -20.86 -5.35
C ILE D 220 21.21 -20.89 -6.61
N ILE D 221 22.51 -20.63 -6.46
CA ILE D 221 23.41 -20.63 -7.60
C ILE D 221 23.50 -22.01 -8.24
N GLU D 222 23.50 -23.05 -7.41
CA GLU D 222 23.58 -24.41 -7.94
C GLU D 222 22.33 -24.73 -8.77
N GLY D 223 21.20 -24.11 -8.41
CA GLY D 223 19.96 -24.38 -9.11
C GLY D 223 19.62 -23.49 -10.29
N LYS D 224 19.96 -22.21 -10.22
CA LYS D 224 19.64 -21.29 -11.31
C LYS D 224 20.83 -20.54 -11.90
N GLY D 225 22.01 -20.73 -11.32
CA GLY D 225 23.20 -20.07 -11.86
C GLY D 225 23.62 -18.75 -11.24
N ALA D 226 22.69 -18.01 -10.67
CA ALA D 226 22.99 -16.73 -10.05
C ALA D 226 21.83 -16.30 -9.17
N THR D 227 22.11 -15.43 -8.20
CA THR D 227 21.06 -14.93 -7.33
C THR D 227 20.81 -13.47 -7.70
N TYR D 228 19.55 -13.05 -7.63
CA TYR D 228 19.23 -11.65 -7.96
C TYR D 228 17.88 -11.17 -7.44
N TYR D 229 16.88 -12.05 -7.33
CA TYR D 229 15.58 -11.61 -6.85
C TYR D 229 15.63 -11.09 -5.41
N GLY D 230 16.32 -11.82 -4.54
CA GLY D 230 16.42 -11.40 -3.15
C GLY D 230 17.10 -10.05 -3.00
N ILE D 231 18.30 -9.91 -3.54
CA ILE D 231 19.03 -8.65 -3.41
C ILE D 231 18.33 -7.47 -4.11
N GLY D 232 17.59 -7.74 -5.17
CA GLY D 232 16.88 -6.66 -5.83
C GLY D 232 15.92 -6.00 -4.86
N ALA D 233 15.23 -6.81 -4.07
CA ALA D 233 14.26 -6.30 -3.09
C ALA D 233 14.97 -5.68 -1.87
N GLY D 234 16.09 -6.28 -1.46
CA GLY D 234 16.83 -5.75 -0.34
C GLY D 234 17.36 -4.37 -0.68
N LEU D 235 17.93 -4.25 -1.88
CA LEU D 235 18.45 -2.97 -2.33
C LEU D 235 17.33 -1.93 -2.43
N ALA D 236 16.18 -2.34 -2.92
CA ALA D 236 15.04 -1.43 -3.03
C ALA D 236 14.65 -0.91 -1.66
N ARG D 237 14.72 -1.77 -0.64
CA ARG D 237 14.36 -1.33 0.70
C ARG D 237 15.38 -0.32 1.23
N LEU D 238 16.67 -0.56 0.95
CA LEU D 238 17.70 0.36 1.41
C LEU D 238 17.55 1.71 0.70
N VAL D 239 17.19 1.67 -0.58
CA VAL D 239 16.98 2.92 -1.33
C VAL D 239 15.84 3.70 -0.69
N ARG D 240 14.76 3.01 -0.34
CA ARG D 240 13.62 3.66 0.30
C ARG D 240 14.05 4.34 1.61
N ALA D 241 14.87 3.65 2.38
CA ALA D 241 15.36 4.20 3.65
C ALA D 241 16.14 5.49 3.41
N ILE D 242 16.90 5.51 2.33
CA ILE D 242 17.67 6.71 1.98
C ILE D 242 16.76 7.84 1.50
N LEU D 243 15.87 7.54 0.57
CA LEU D 243 14.97 8.55 0.01
C LEU D 243 14.03 9.17 1.05
N THR D 244 13.61 8.38 2.03
CA THR D 244 12.70 8.87 3.05
C THR D 244 13.41 9.31 4.32
N ASP D 245 14.74 9.27 4.31
CA ASP D 245 15.55 9.66 5.48
C ASP D 245 14.96 8.96 6.70
N GLU D 246 14.80 7.65 6.55
CA GLU D 246 14.22 6.79 7.56
C GLU D 246 15.01 6.69 8.86
N LYS D 247 16.33 6.65 8.72
CA LYS D 247 17.23 6.50 9.85
C LYS D 247 16.93 5.18 10.57
N GLY D 248 16.63 4.15 9.77
CA GLY D 248 16.36 2.83 10.31
C GLY D 248 17.67 2.07 10.47
N VAL D 249 17.64 0.98 11.23
CA VAL D 249 18.85 0.18 11.45
C VAL D 249 18.93 -1.03 10.52
N TYR D 250 20.03 -1.14 9.80
CA TYR D 250 20.23 -2.25 8.87
C TYR D 250 21.65 -2.79 8.96
N THR D 251 21.82 -4.08 8.77
CA THR D 251 23.16 -4.66 8.80
C THR D 251 23.74 -4.52 7.39
N VAL D 252 24.34 -3.36 7.14
CA VAL D 252 24.94 -3.04 5.84
C VAL D 252 26.44 -2.77 5.99
N SER D 253 27.13 -2.85 4.87
CA SER D 253 28.58 -2.65 4.85
C SER D 253 29.00 -1.20 4.63
N ALA D 254 30.05 -0.78 5.33
CA ALA D 254 30.56 0.57 5.20
C ALA D 254 31.95 0.63 5.81
N PHE D 255 32.72 1.61 5.35
CA PHE D 255 34.08 1.81 5.84
C PHE D 255 34.05 2.06 7.34
N THR D 256 34.81 1.25 8.08
CA THR D 256 34.85 1.35 9.54
C THR D 256 36.27 1.60 10.05
N PRO D 257 36.45 2.67 10.84
CA PRO D 257 37.77 3.02 11.38
C PRO D 257 38.42 1.89 12.18
N GLU D 258 37.64 1.23 13.03
CA GLU D 258 38.17 0.16 13.85
C GLU D 258 37.11 -0.87 14.21
N VAL D 259 37.46 -2.15 14.04
CA VAL D 259 36.56 -3.26 14.36
C VAL D 259 37.39 -4.34 15.04
N GLU D 260 37.21 -4.50 16.35
CA GLU D 260 37.94 -5.51 17.10
C GLU D 260 39.45 -5.39 16.88
N GLY D 261 39.95 -4.17 16.82
CA GLY D 261 41.38 -3.98 16.62
C GLY D 261 41.80 -3.85 15.17
N VAL D 262 40.98 -4.35 14.25
CA VAL D 262 41.29 -4.27 12.83
C VAL D 262 40.96 -2.84 12.37
N LEU D 263 41.91 -2.21 11.69
CA LEU D 263 41.75 -0.84 11.24
C LEU D 263 41.35 -0.62 9.78
N GLU D 264 40.51 0.40 9.57
CA GLU D 264 40.05 0.78 8.24
C GLU D 264 39.65 -0.38 7.34
N VAL D 265 38.48 -0.95 7.62
CA VAL D 265 37.97 -2.07 6.86
C VAL D 265 36.46 -1.91 6.69
N SER D 266 35.93 -2.43 5.59
CA SER D 266 34.49 -2.36 5.31
C SER D 266 33.84 -3.72 5.53
N LEU D 267 32.80 -3.74 6.37
CA LEU D 267 32.06 -4.95 6.66
C LEU D 267 30.70 -4.57 7.26
N SER D 268 29.82 -5.55 7.43
CA SER D 268 28.50 -5.26 7.95
C SER D 268 28.37 -5.21 9.47
N LEU D 269 27.75 -4.14 9.94
CA LEU D 269 27.46 -3.91 11.34
C LEU D 269 26.08 -3.25 11.33
N PRO D 270 25.39 -3.22 12.47
CA PRO D 270 24.07 -2.57 12.47
C PRO D 270 24.32 -1.07 12.35
N ARG D 271 23.76 -0.44 11.31
CA ARG D 271 23.98 0.98 11.09
C ARG D 271 22.69 1.75 10.82
N ILE D 272 22.67 3.02 11.21
CA ILE D 272 21.52 3.89 11.01
C ILE D 272 21.63 4.44 9.59
N LEU D 273 20.61 4.19 8.78
CA LEU D 273 20.62 4.61 7.38
C LEU D 273 19.58 5.68 7.06
N GLY D 274 20.06 6.80 6.52
CA GLY D 274 19.19 7.91 6.18
C GLY D 274 19.59 8.62 4.89
N ALA D 275 19.14 9.85 4.73
CA ALA D 275 19.40 10.64 3.53
C ALA D 275 20.87 10.85 3.19
N GLY D 276 21.75 10.86 4.20
CA GLY D 276 23.16 11.06 3.94
C GLY D 276 23.96 9.76 3.95
N GLY D 277 23.24 8.64 3.95
CA GLY D 277 23.89 7.35 3.99
C GLY D 277 23.88 6.84 5.42
N VAL D 278 24.92 6.12 5.84
CA VAL D 278 24.95 5.64 7.22
C VAL D 278 25.45 6.76 8.13
N GLU D 279 24.82 6.89 9.29
CA GLU D 279 25.17 7.96 10.22
C GLU D 279 25.29 7.53 11.67
N GLY D 280 25.63 6.26 11.90
CA GLY D 280 25.75 5.79 13.25
C GLY D 280 25.81 4.28 13.29
N THR D 281 26.63 3.74 14.17
CA THR D 281 26.77 2.29 14.28
C THR D 281 26.28 1.84 15.64
N VAL D 282 25.43 0.81 15.64
CA VAL D 282 24.88 0.26 16.87
C VAL D 282 25.56 -1.09 17.11
N TYR D 283 26.64 -1.07 17.87
CA TYR D 283 27.41 -2.28 18.17
C TYR D 283 26.72 -3.14 19.23
N PRO D 284 26.30 -4.35 18.84
CA PRO D 284 25.62 -5.26 19.77
C PRO D 284 26.59 -6.02 20.66
N SER D 285 26.08 -6.55 21.77
CA SER D 285 26.90 -7.33 22.68
C SER D 285 27.30 -8.62 21.97
N LEU D 286 28.57 -9.00 22.10
CA LEU D 286 29.07 -10.20 21.45
C LEU D 286 29.74 -11.16 22.43
N SER D 287 29.55 -12.45 22.19
CA SER D 287 30.18 -13.46 23.03
C SER D 287 31.65 -13.51 22.61
N PRO D 288 32.52 -14.07 23.45
CA PRO D 288 33.94 -14.15 23.10
C PRO D 288 34.15 -14.84 21.76
N GLU D 289 33.35 -15.90 21.52
CA GLU D 289 33.45 -16.65 20.29
C GLU D 289 33.03 -15.81 19.08
N GLU D 290 31.94 -15.06 19.24
CA GLU D 290 31.45 -14.21 18.16
C GLU D 290 32.41 -13.07 17.87
N ARG D 291 33.07 -12.56 18.91
CA ARG D 291 34.02 -11.47 18.74
C ARG D 291 35.24 -11.93 17.94
N GLU D 292 35.78 -13.10 18.31
CA GLU D 292 36.94 -13.65 17.62
C GLU D 292 36.56 -13.94 16.17
N ALA D 293 35.33 -14.41 15.97
CA ALA D 293 34.85 -14.71 14.63
C ALA D 293 34.80 -13.42 13.80
N LEU D 294 34.29 -12.37 14.40
CA LEU D 294 34.20 -11.07 13.72
C LEU D 294 35.59 -10.48 13.48
N ARG D 295 36.46 -10.58 14.48
CA ARG D 295 37.82 -10.05 14.35
C ARG D 295 38.52 -10.76 13.19
N ARG D 296 38.39 -12.08 13.17
CA ARG D 296 39.00 -12.88 12.11
C ARG D 296 38.46 -12.44 10.76
N SER D 297 37.14 -12.28 10.68
CA SER D 297 36.47 -11.87 9.46
C SER D 297 37.06 -10.53 8.99
N ALA D 298 37.09 -9.57 9.90
CA ALA D 298 37.62 -8.24 9.61
C ALA D 298 39.05 -8.30 9.07
N GLU D 299 39.90 -9.08 9.74
CA GLU D 299 41.29 -9.21 9.32
C GLU D 299 41.39 -9.73 7.89
N ILE D 300 40.52 -10.66 7.55
CA ILE D 300 40.49 -11.24 6.20
C ILE D 300 40.15 -10.16 5.19
N LEU D 301 39.07 -9.43 5.45
CA LEU D 301 38.64 -8.34 4.56
C LEU D 301 39.71 -7.27 4.47
N LYS D 302 40.34 -6.95 5.60
CA LYS D 302 41.38 -5.91 5.61
C LYS D 302 42.54 -6.26 4.69
N GLU D 303 43.04 -7.48 4.81
CA GLU D 303 44.16 -7.92 3.98
C GLU D 303 43.78 -7.96 2.51
N ALA D 304 42.56 -8.44 2.22
CA ALA D 304 42.10 -8.53 0.84
C ALA D 304 42.04 -7.13 0.22
N ALA D 305 41.49 -6.17 0.94
CA ALA D 305 41.38 -4.80 0.47
C ALA D 305 42.76 -4.21 0.23
N PHE D 306 43.65 -4.37 1.20
CA PHE D 306 45.01 -3.84 1.09
C PHE D 306 45.75 -4.42 -0.11
N ALA D 307 45.64 -5.72 -0.28
CA ALA D 307 46.31 -6.41 -1.39
C ALA D 307 45.84 -5.89 -2.74
N LEU D 308 44.57 -5.49 -2.80
CA LEU D 308 43.99 -4.98 -4.03
C LEU D 308 44.43 -3.54 -4.26
N GLY D 309 44.91 -2.90 -3.20
CA GLY D 309 45.36 -1.53 -3.30
C GLY D 309 44.43 -0.52 -2.64
N PHE D 310 43.53 -1.02 -1.79
CA PHE D 310 42.58 -0.14 -1.12
C PHE D 310 42.54 -0.36 0.38
C1 GOL E . 28.02 -1.15 -16.61
O1 GOL E . 28.65 -0.12 -17.38
C2 GOL E . 29.02 -2.22 -16.22
O2 GOL E . 28.35 -3.24 -15.47
C3 GOL E . 29.66 -2.85 -17.47
O3 GOL E . 30.71 -3.74 -17.09
C1 GOL F . 39.14 8.62 -13.84
O1 GOL F . 38.46 8.92 -12.63
C2 GOL F . 38.54 7.34 -14.44
O2 GOL F . 38.59 7.43 -15.87
C3 GOL F . 39.34 6.11 -13.96
O3 GOL F . 40.68 6.10 -14.50
#